data_2C04
#
_entry.id   2C04
#
_cell.length_a   109.006
_cell.length_b   54.440
_cell.length_c   98.831
_cell.angle_alpha   90.00
_cell.angle_beta   97.16
_cell.angle_gamma   90.00
#
_symmetry.space_group_name_H-M   'C 1 2 1'
#
loop_
_entity.id
_entity.type
_entity.pdbx_description
1 polymer 'SIGNAL RECOGNITION PARTICLE PROTEIN'
2 non-polymer 'PHOSPHOMETHYLPHOSPHONIC ACID GUANYLATE ESTER'
3 non-polymer 'CALCIUM ION'
4 water water
#
_entity_poly.entity_id   1
_entity_poly.type   'polypeptide(L)'
_entity_poly.pdbx_seq_one_letter_code
;MFQQLSARLQEAIGRLRGRGRITEEDLKATLREIRRALMDADVNLEVARDFVERVREEALGKQVLESLTPAEVILATVYE
ALKEALGGEARLPVLKDRNLWFLVGLQGSGKTTTAAKLALYYKGKGRRPLLVAADTQRPAAREQLRLLGEKVGVPVLEVM
DGESPESIRRRVEEKARLEARDLILVDTAGRLQIDEPLMGELARLKEVLGPDEVLLVLDAMTGQEALSVARAFDEKVGVT
GLVLTKLDGDARGGAALSARHVTGKPIYFAGVSEKPEGLEPFYPERLAGRILGMGDV
;
_entity_poly.pdbx_strand_id   A,B
#
# COMPACT_ATOMS: atom_id res chain seq x y z
N MET A 1 9.78 -10.11 14.67
N MET A 1 9.94 -9.62 13.97
CA MET A 1 9.69 -8.90 15.53
CA MET A 1 9.18 -9.28 15.21
C MET A 1 8.53 -8.02 15.09
C MET A 1 8.11 -8.25 14.87
N PHE A 2 8.02 -7.26 16.06
N PHE A 2 7.90 -7.34 15.80
CA PHE A 2 6.89 -6.35 15.88
CA PHE A 2 6.96 -6.27 15.56
C PHE A 2 5.51 -7.01 15.63
C PHE A 2 5.57 -6.90 15.47
N GLN A 3 5.26 -8.22 16.15
N GLN A 3 5.48 -8.22 15.29
CA GLN A 3 3.94 -8.88 15.97
CA GLN A 3 4.17 -8.85 15.12
C GLN A 3 2.80 -8.24 16.77
C GLN A 3 3.16 -8.31 16.13
N GLN A 4 2.97 -8.17 18.09
N GLN A 4 3.60 -8.09 17.37
CA GLN A 4 1.95 -7.58 18.96
CA GLN A 4 2.68 -7.61 18.41
C GLN A 4 1.64 -6.12 18.60
C GLN A 4 2.35 -6.12 18.18
N LEU A 5 2.69 -5.32 18.44
N LEU A 5 3.37 -5.29 17.96
CA LEU A 5 2.55 -3.90 18.05
CA LEU A 5 3.12 -3.89 17.66
C LEU A 5 1.85 -3.77 16.70
C LEU A 5 2.18 -3.77 16.47
N SER A 6 2.23 -4.60 15.74
N SER A 6 2.44 -4.56 15.44
CA SER A 6 1.62 -4.53 14.41
CA SER A 6 1.61 -4.56 14.24
C SER A 6 0.14 -4.83 14.55
C SER A 6 0.13 -4.82 14.55
N ALA A 7 -0.17 -5.89 15.28
CA ALA A 7 -1.54 -6.22 15.58
C ALA A 7 -2.26 -5.10 16.31
N ARG A 8 -1.60 -4.52 17.30
N ARG A 8 -1.61 -4.56 17.33
CA ARG A 8 -2.27 -3.53 18.13
CA ARG A 8 -2.21 -3.52 18.15
C ARG A 8 -2.44 -2.21 17.42
C ARG A 8 -2.49 -2.29 17.32
N LEU A 9 -1.51 -1.85 16.54
CA LEU A 9 -1.71 -0.63 15.71
C LEU A 9 -2.84 -0.87 14.71
N GLN A 10 -2.83 -2.02 14.06
CA GLN A 10 -3.87 -2.34 13.10
C GLN A 10 -5.25 -2.40 13.75
N GLU A 11 -5.32 -2.93 14.96
CA GLU A 11 -6.60 -2.98 15.66
C GLU A 11 -7.11 -1.60 16.04
N ALA A 12 -6.20 -0.72 16.48
CA ALA A 12 -6.59 0.65 16.80
C ALA A 12 -7.15 1.36 15.57
N ILE A 13 -6.50 1.18 14.44
CA ILE A 13 -6.98 1.77 13.21
C ILE A 13 -8.32 1.16 12.83
N GLY A 14 -8.43 -0.16 12.92
CA GLY A 14 -9.65 -0.85 12.54
C GLY A 14 -10.86 -0.45 13.34
N ARG A 15 -10.67 -0.08 14.61
CA ARG A 15 -11.78 0.30 15.46
C ARG A 15 -12.44 1.60 14.98
N LEU A 16 -11.77 2.37 14.14
CA LEU A 16 -12.33 3.59 13.57
C LEU A 16 -13.19 3.37 12.35
N ARG A 17 -13.17 2.17 11.79
CA ARG A 17 -13.99 1.90 10.60
C ARG A 17 -15.47 1.68 10.94
N GLY A 18 -16.34 1.99 9.98
CA GLY A 18 -17.76 1.65 10.05
C GLY A 18 -18.60 2.50 11.00
N ARG A 19 -18.08 3.67 11.37
CA ARG A 19 -18.69 4.49 12.43
C ARG A 19 -19.08 5.89 11.96
N GLY A 20 -18.94 6.16 10.68
CA GLY A 20 -19.05 7.52 10.20
C GLY A 20 -17.87 8.42 10.57
N ARG A 21 -18.11 9.72 10.53
CA ARG A 21 -17.17 10.69 11.02
C ARG A 21 -17.01 10.52 12.52
N ILE A 22 -15.82 10.82 13.00
CA ILE A 22 -15.51 10.72 14.42
C ILE A 22 -15.40 12.09 15.08
N THR A 23 -15.50 12.07 16.40
CA THR A 23 -15.41 13.24 17.24
C THR A 23 -14.01 13.45 17.77
N GLU A 24 -13.79 14.62 18.34
CA GLU A 24 -12.55 14.92 19.02
C GLU A 24 -12.21 13.88 20.08
N GLU A 25 -13.20 13.45 20.86
CA GLU A 25 -12.95 12.46 21.89
C GLU A 25 -12.61 11.10 21.28
N ASP A 26 -13.25 10.74 20.17
CA ASP A 26 -12.87 9.53 19.47
C ASP A 26 -11.40 9.57 19.04
N LEU A 27 -10.96 10.69 18.51
CA LEU A 27 -9.57 10.82 18.10
C LEU A 27 -8.61 10.69 19.28
N LYS A 28 -8.95 11.33 20.39
CA LYS A 28 -8.11 11.24 21.57
C LYS A 28 -7.98 9.78 22.05
N ALA A 29 -9.07 9.03 22.00
CA ALA A 29 -9.02 7.63 22.39
C ALA A 29 -8.06 6.84 21.49
N THR A 30 -8.13 7.09 20.19
CA THR A 30 -7.28 6.35 19.26
C THR A 30 -5.82 6.69 19.56
N LEU A 31 -5.53 7.97 19.80
CA LEU A 31 -4.18 8.38 20.06
C LEU A 31 -3.66 7.71 21.34
N ARG A 32 -4.43 7.66 22.42
N ARG A 32 -4.54 7.61 22.35
CA ARG A 32 -3.89 7.01 23.62
CA ARG A 32 -4.28 6.84 23.58
C ARG A 32 -3.61 5.53 23.35
C ARG A 32 -4.01 5.38 23.30
N GLU A 33 -4.43 4.92 22.50
N GLU A 33 -4.82 4.76 22.46
CA GLU A 33 -4.28 3.53 22.14
CA GLU A 33 -4.66 3.35 22.16
C GLU A 33 -2.97 3.31 21.38
C GLU A 33 -3.35 3.12 21.44
N ILE A 34 -2.64 4.22 20.47
N ILE A 34 -2.97 4.09 20.60
CA ILE A 34 -1.36 4.14 19.77
CA ILE A 34 -1.72 4.01 19.88
C ILE A 34 -0.22 4.31 20.77
C ILE A 34 -0.50 4.18 20.81
N ARG A 35 -0.36 5.28 21.68
N ARG A 35 -0.51 5.16 21.72
CA ARG A 35 0.68 5.49 22.66
CA ARG A 35 0.64 5.31 22.60
C ARG A 35 0.89 4.21 23.51
C ARG A 35 0.84 4.05 23.46
N ARG A 36 -0.22 3.58 23.92
N ARG A 36 -0.27 3.50 23.94
CA ARG A 36 -0.12 2.34 24.70
CA ARG A 36 -0.24 2.27 24.72
C ARG A 36 0.52 1.23 23.90
C ARG A 36 0.37 1.12 23.95
N ALA A 37 0.11 1.07 22.65
CA ALA A 37 0.68 0.03 21.80
C ALA A 37 2.18 0.20 21.74
N LEU A 38 2.63 1.44 21.54
CA LEU A 38 4.06 1.72 21.46
C LEU A 38 4.77 1.38 22.76
N MET A 39 4.21 1.85 23.87
CA MET A 39 4.85 1.61 25.17
C MET A 39 4.86 0.14 25.53
N ASP A 40 3.82 -0.61 25.14
CA ASP A 40 3.80 -2.06 25.35
C ASP A 40 4.86 -2.75 24.52
N ALA A 41 5.27 -2.10 23.43
CA ALA A 41 6.38 -2.59 22.58
C ALA A 41 7.75 -2.12 23.04
N ASP A 42 7.74 -1.55 24.26
N ASP A 42 7.89 -1.48 24.20
CA ASP A 42 8.89 -1.03 25.01
CA ASP A 42 9.23 -1.11 24.69
C ASP A 42 9.42 0.32 24.53
C ASP A 42 9.86 0.07 23.92
N VAL A 43 8.59 1.09 23.80
N VAL A 43 9.02 1.01 23.49
CA VAL A 43 8.94 2.47 23.48
CA VAL A 43 9.47 2.34 23.21
C VAL A 43 8.83 3.30 24.76
C VAL A 43 9.41 3.07 24.55
N ASN A 44 9.82 4.12 25.09
N ASN A 44 10.39 3.93 24.85
CA ASN A 44 9.75 4.89 26.30
CA ASN A 44 10.32 4.72 26.07
C ASN A 44 8.72 6.00 26.16
C ASN A 44 9.26 5.80 25.95
N LEU A 45 8.34 6.55 27.30
N LEU A 45 8.83 6.30 27.10
CA LEU A 45 7.27 7.53 27.37
CA LEU A 45 7.75 7.26 27.18
C LEU A 45 7.54 8.72 26.45
C LEU A 45 7.97 8.46 26.27
N GLU A 46 8.76 9.27 26.44
N GLU A 46 9.13 9.12 26.42
CA GLU A 46 9.05 10.49 25.62
CA GLU A 46 9.44 10.36 25.67
C GLU A 46 8.94 10.19 24.12
C GLU A 46 9.07 10.20 24.20
N VAL A 47 9.52 9.07 23.67
CA VAL A 47 9.48 8.75 22.27
C VAL A 47 8.04 8.46 21.85
N ALA A 48 7.31 7.71 22.68
CA ALA A 48 5.90 7.41 22.39
C ALA A 48 5.05 8.67 22.38
N ARG A 49 5.29 9.58 23.32
CA ARG A 49 4.56 10.86 23.35
C ARG A 49 4.86 11.69 22.10
N ASP A 50 6.14 11.73 21.70
CA ASP A 50 6.48 12.47 20.50
C ASP A 50 5.80 11.89 19.28
N PHE A 51 5.76 10.57 19.19
CA PHE A 51 5.15 9.87 18.07
C PHE A 51 3.67 10.24 17.96
N VAL A 52 2.98 10.16 19.09
N VAL A 52 2.91 10.14 19.04
CA VAL A 52 1.57 10.44 19.10
CA VAL A 52 1.48 10.45 18.94
C VAL A 52 1.30 11.88 18.74
C VAL A 52 1.18 11.94 18.82
N GLU A 53 2.10 12.80 19.27
CA GLU A 53 1.98 14.22 18.95
C GLU A 53 2.12 14.46 17.44
N ARG A 54 3.07 13.77 16.81
CA ARG A 54 3.25 13.88 15.37
C ARG A 54 2.02 13.39 14.62
N VAL A 55 1.49 12.25 15.04
CA VAL A 55 0.28 11.69 14.43
C VAL A 55 -0.88 12.67 14.62
N ARG A 56 -1.03 13.22 15.82
N ARG A 56 -1.03 13.21 15.82
CA ARG A 56 -2.13 14.14 16.09
CA ARG A 56 -2.11 14.14 16.09
C ARG A 56 -2.06 15.35 15.17
C ARG A 56 -2.05 15.33 15.14
N GLU A 57 -0.89 15.96 15.06
CA GLU A 57 -0.73 17.13 14.24
C GLU A 57 -1.03 16.82 12.79
N GLU A 58 -0.44 15.73 12.29
N GLU A 58 -0.45 15.72 12.28
CA GLU A 58 -0.62 15.36 10.90
CA GLU A 58 -0.62 15.36 10.88
C GLU A 58 -2.08 15.02 10.59
C GLU A 58 -2.05 14.96 10.55
N ALA A 59 -2.70 14.27 11.48
CA ALA A 59 -4.08 13.84 11.25
C ALA A 59 -5.02 15.04 11.24
N LEU A 60 -4.83 15.98 12.16
CA LEU A 60 -5.64 17.19 12.14
C LEU A 60 -5.38 17.99 10.86
N GLY A 61 -4.14 18.03 10.40
CA GLY A 61 -3.83 18.69 9.14
C GLY A 61 -4.50 18.04 7.93
N LYS A 62 -4.81 16.76 8.03
N LYS A 62 -4.70 16.73 8.01
CA LYS A 62 -5.59 16.06 6.99
CA LYS A 62 -5.32 15.94 6.94
C LYS A 62 -7.09 16.06 7.33
C LYS A 62 -6.82 15.78 7.18
N GLN A 63 -7.50 16.90 8.28
N GLN A 63 -7.38 16.65 8.03
CA GLN A 63 -8.91 17.02 8.62
CA GLN A 63 -8.83 16.76 8.20
C GLN A 63 -9.55 15.65 8.93
C GLN A 63 -9.47 15.46 8.73
N VAL A 64 -8.85 14.85 9.74
CA VAL A 64 -9.35 13.57 10.19
C VAL A 64 -10.78 13.63 10.73
N LEU A 65 -11.15 14.69 11.45
N LEU A 65 -11.14 14.74 11.37
CA LEU A 65 -12.48 14.71 12.05
CA LEU A 65 -12.46 14.86 11.96
C LEU A 65 -13.61 14.92 11.05
C LEU A 65 -13.57 15.09 10.93
N GLU A 66 -13.24 15.40 9.86
N GLU A 66 -13.18 15.54 9.75
CA GLU A 66 -14.17 15.66 8.77
CA GLU A 66 -14.12 15.71 8.65
C GLU A 66 -14.18 14.54 7.70
C GLU A 66 -14.28 14.45 7.79
N SER A 67 -13.28 13.58 7.84
CA SER A 67 -13.21 12.48 6.90
C SER A 67 -14.32 11.48 7.08
N LEU A 68 -14.83 10.93 5.97
CA LEU A 68 -15.73 9.80 6.02
C LEU A 68 -15.01 8.50 6.33
N THR A 69 -13.68 8.49 6.19
CA THR A 69 -12.89 7.30 6.46
C THR A 69 -11.69 7.69 7.34
N PRO A 70 -11.98 8.07 8.57
CA PRO A 70 -10.91 8.47 9.49
C PRO A 70 -9.88 7.38 9.72
N ALA A 71 -10.28 6.11 9.66
CA ALA A 71 -9.29 5.05 9.79
C ALA A 71 -8.18 5.20 8.77
N GLU A 72 -8.53 5.57 7.54
CA GLU A 72 -7.53 5.69 6.50
C GLU A 72 -6.59 6.88 6.77
N VAL A 73 -7.13 7.96 7.32
CA VAL A 73 -6.29 9.10 7.66
C VAL A 73 -5.31 8.72 8.78
N ILE A 74 -5.81 8.02 9.79
CA ILE A 74 -4.94 7.56 10.83
C ILE A 74 -3.90 6.57 10.30
N LEU A 75 -4.30 5.64 9.44
CA LEU A 75 -3.33 4.74 8.86
C LEU A 75 -2.19 5.53 8.20
N ALA A 76 -2.54 6.51 7.38
CA ALA A 76 -1.52 7.26 6.65
C ALA A 76 -0.60 8.03 7.57
N THR A 77 -1.13 8.61 8.65
N THR A 77 -1.17 8.61 8.61
CA THR A 77 -0.31 9.45 9.50
CA THR A 77 -0.38 9.44 9.51
C THR A 77 0.54 8.57 10.43
C THR A 77 0.55 8.55 10.35
N VAL A 78 0.03 7.42 10.85
CA VAL A 78 0.85 6.45 11.58
C VAL A 78 1.97 5.91 10.68
N TYR A 79 1.62 5.54 9.46
N TYR A 79 1.65 5.70 9.41
CA TYR A 79 2.63 5.06 8.54
CA TYR A 79 2.64 5.32 8.41
C TYR A 79 3.79 6.04 8.46
C TYR A 79 3.75 6.35 8.26
N GLU A 80 3.49 7.31 8.20
N GLU A 80 3.36 7.60 8.11
CA GLU A 80 4.53 8.32 8.01
CA GLU A 80 4.34 8.66 7.99
C GLU A 80 5.33 8.55 9.29
C GLU A 80 5.23 8.75 9.26
N ALA A 81 4.64 8.57 10.43
CA ALA A 81 5.35 8.74 11.69
C ALA A 81 6.30 7.56 11.91
N LEU A 82 5.85 6.35 11.56
CA LEU A 82 6.72 5.16 11.71
C LEU A 82 7.90 5.26 10.76
N LYS A 83 7.67 5.65 9.53
CA LYS A 83 8.74 5.83 8.54
C LYS A 83 9.77 6.82 9.05
N GLU A 84 9.31 7.96 9.55
N GLU A 84 9.31 7.97 9.53
CA GLU A 84 10.19 8.96 10.10
CA GLU A 84 10.18 8.97 10.15
C GLU A 84 10.96 8.45 11.33
C GLU A 84 10.98 8.37 11.29
N ALA A 85 10.28 7.74 12.23
CA ALA A 85 10.94 7.19 13.39
C ALA A 85 12.06 6.23 13.03
N LEU A 86 11.86 5.47 11.97
CA LEU A 86 12.82 4.46 11.53
C LEU A 86 13.94 5.03 10.69
N GLY A 87 13.88 6.30 10.36
CA GLY A 87 14.95 6.96 9.61
C GLY A 87 14.59 7.78 8.40
N GLY A 88 13.34 7.66 7.94
N GLY A 88 13.32 7.75 8.02
CA GLY A 88 12.92 8.32 6.73
CA GLY A 88 12.82 8.60 6.96
C GLY A 88 13.46 7.65 5.49
C GLY A 88 13.09 8.02 5.60
N GLU A 89 14.19 8.43 4.72
N GLU A 89 14.31 8.22 5.12
CA GLU A 89 14.90 7.94 3.56
CA GLU A 89 14.70 7.70 3.84
C GLU A 89 15.92 6.84 3.91
C GLU A 89 15.80 6.69 4.07
N ALA A 90 15.90 5.74 3.15
CA ALA A 90 16.92 4.71 3.23
C ALA A 90 18.29 5.31 3.02
N ARG A 91 19.25 4.82 3.80
CA ARG A 91 20.61 5.31 3.78
C ARG A 91 21.58 4.14 3.80
N LEU A 92 22.76 4.34 3.20
N LEU A 92 22.68 4.28 3.06
CA LEU A 92 23.88 3.40 3.27
CA LEU A 92 23.77 3.32 3.07
C LEU A 92 25.17 4.12 3.55
C LEU A 92 25.05 4.11 3.20
N PRO A 93 26.25 3.35 3.74
N PRO A 93 26.07 3.52 3.84
CA PRO A 93 27.54 4.05 3.75
CA PRO A 93 27.35 4.18 4.05
C PRO A 93 27.90 4.67 2.40
C PRO A 93 27.95 4.55 2.69
N VAL A 94 28.65 5.77 2.48
N VAL A 94 28.56 5.73 2.58
CA VAL A 94 29.33 6.36 1.33
CA VAL A 94 29.05 6.18 1.29
C VAL A 94 30.44 5.41 0.93
C VAL A 94 30.35 5.44 0.93
N LEU A 95 30.43 5.01 -0.33
CA LEU A 95 31.58 4.33 -0.87
C LEU A 95 32.43 5.34 -1.59
N LYS A 96 33.71 5.37 -1.27
N LYS A 96 33.72 5.27 -1.25
CA LYS A 96 34.57 6.36 -1.90
CA LYS A 96 34.76 6.05 -1.93
C LYS A 96 35.80 5.59 -2.35
C LYS A 96 35.70 5.05 -2.60
N ASP A 97 36.91 6.26 -2.49
N ASP A 97 36.81 5.54 -3.11
CA ASP A 97 38.05 5.58 -3.06
CA ASP A 97 37.66 4.71 -3.94
C ASP A 97 38.62 4.59 -2.04
C ASP A 97 38.17 3.57 -3.11
N ARG A 98 38.80 5.06 -0.80
N ARG A 98 38.46 3.87 -1.84
CA ARG A 98 39.27 4.24 0.31
CA ARG A 98 38.91 2.90 -0.87
C ARG A 98 38.14 4.00 1.30
C ARG A 98 38.25 3.19 0.48
N ASN A 99 37.87 2.72 1.57
N ASN A 99 37.74 2.13 1.11
CA ASN A 99 36.77 2.33 2.44
CA ASN A 99 36.99 2.23 2.37
C ASN A 99 37.21 1.28 3.45
C ASN A 99 37.54 1.29 3.41
N LEU A 100 37.53 1.68 4.67
CA LEU A 100 37.90 0.79 5.75
C LEU A 100 36.88 0.99 6.84
N TRP A 101 36.17 -0.08 7.18
N TRP A 101 36.07 -0.04 7.05
CA TRP A 101 34.97 -0.01 8.02
CA TRP A 101 35.02 0.01 8.05
C TRP A 101 35.03 -1.00 9.17
C TRP A 101 35.40 -0.95 9.16
N PHE A 102 34.76 -0.54 10.39
N PHE A 102 35.04 -0.57 10.38
CA PHE A 102 34.68 -1.41 11.59
CA PHE A 102 34.98 -1.54 11.44
C PHE A 102 33.29 -1.95 11.82
C PHE A 102 33.56 -2.02 11.59
N LEU A 103 33.21 -3.21 12.20
N LEU A 103 33.47 -3.29 12.00
CA LEU A 103 31.99 -3.78 12.78
CA LEU A 103 32.26 -3.86 12.59
C LEU A 103 32.25 -4.01 14.26
C LEU A 103 32.57 -4.07 14.07
N VAL A 104 31.39 -3.40 15.07
N VAL A 104 31.72 -3.52 14.92
CA VAL A 104 31.54 -3.48 16.51
CA VAL A 104 31.84 -3.63 16.36
C VAL A 104 30.21 -3.91 17.14
C VAL A 104 30.52 -4.15 16.93
N GLY A 105 30.30 -4.35 18.38
N GLY A 105 30.58 -4.70 18.13
CA GLY A 105 29.13 -4.85 19.07
CA GLY A 105 29.40 -5.24 18.78
C GLY A 105 29.53 -5.95 20.04
C GLY A 105 29.72 -6.37 19.72
N LEU A 106 28.52 -6.47 20.73
N LEU A 106 28.69 -6.85 20.39
CA LEU A 106 28.74 -7.52 21.69
CA LEU A 106 28.79 -7.95 21.33
C LEU A 106 28.65 -8.91 21.09
C LEU A 106 28.81 -9.28 20.65
N GLN A 107 29.15 -9.88 21.84
N GLN A 107 29.37 -10.26 21.34
CA GLN A 107 28.94 -11.27 21.51
CA GLN A 107 29.20 -11.63 20.93
C GLN A 107 27.44 -11.52 21.31
C GLN A 107 27.69 -11.90 20.87
N GLY A 108 27.09 -12.34 20.33
N GLY A 108 27.25 -12.59 19.83
CA GLY A 108 25.70 -12.69 20.07
CA GLY A 108 25.84 -12.90 19.66
C GLY A 108 24.92 -11.65 19.29
C GLY A 108 25.02 -11.80 18.99
N SER A 109 25.62 -10.63 18.79
CA SER A 109 24.94 -9.54 18.10
C SER A 109 24.64 -9.85 16.65
N GLY A 110 25.31 -10.86 16.10
CA GLY A 110 25.33 -11.02 14.65
C GLY A 110 26.49 -10.35 13.95
N LYS A 111 27.48 -9.90 14.71
CA LYS A 111 28.58 -9.15 14.13
C LYS A 111 29.38 -9.90 13.03
N THR A 112 29.94 -11.06 13.39
CA THR A 112 30.79 -11.79 12.46
C THR A 112 30.02 -12.24 11.23
N THR A 113 28.82 -12.78 11.40
N THR A 113 28.84 -12.80 11.47
CA THR A 113 28.04 -13.22 10.24
CA THR A 113 27.89 -13.18 10.41
C THR A 113 27.56 -12.01 9.41
C THR A 113 27.69 -12.01 9.46
N THR A 114 27.37 -10.87 10.06
CA THR A 114 27.06 -9.65 9.34
C THR A 114 28.25 -9.17 8.51
N ALA A 115 29.47 -9.29 9.05
CA ALA A 115 30.65 -8.93 8.31
C ALA A 115 30.70 -9.70 6.98
N ALA A 116 30.52 -11.04 7.08
CA ALA A 116 30.53 -11.88 5.88
C ALA A 116 29.39 -11.58 4.92
N LYS A 117 28.19 -11.39 5.43
N LYS A 117 28.22 -11.28 5.48
CA LYS A 117 27.07 -11.11 4.55
CA LYS A 117 27.05 -10.81 4.73
C LYS A 117 27.22 -9.72 3.93
C LYS A 117 27.37 -9.56 3.92
N LEU A 118 27.90 -8.82 4.65
N LEU A 118 27.88 -8.53 4.60
CA LEU A 118 28.25 -7.51 4.09
CA LEU A 118 28.17 -7.28 3.92
C LEU A 118 29.30 -7.65 3.00
C LEU A 118 29.18 -7.50 2.82
N ALA A 119 30.33 -8.45 3.26
N ALA A 119 30.14 -8.39 3.06
CA ALA A 119 31.34 -8.72 2.25
CA ALA A 119 31.13 -8.68 2.04
C ALA A 119 30.68 -9.18 0.94
C ALA A 119 30.51 -9.37 0.83
N LEU A 120 29.78 -10.14 1.05
N LEU A 120 29.59 -10.30 1.07
CA LEU A 120 29.11 -10.71 -0.12
CA LEU A 120 28.82 -10.92 0.00
C LEU A 120 28.20 -9.71 -0.82
C LEU A 120 28.04 -9.87 -0.77
N TYR A 121 27.38 -8.98 -0.05
CA TYR A 121 26.54 -7.95 -0.64
C TYR A 121 27.37 -7.01 -1.52
N TYR A 122 28.47 -6.51 -0.97
CA TYR A 122 29.28 -5.55 -1.71
C TYR A 122 30.07 -6.20 -2.85
N LYS A 123 30.48 -7.43 -2.72
CA LYS A 123 31.10 -8.12 -3.84
C LYS A 123 30.11 -8.20 -5.02
N GLY A 124 28.85 -8.49 -4.71
CA GLY A 124 27.80 -8.57 -5.71
C GLY A 124 27.52 -7.23 -6.36
N LYS A 125 27.86 -6.13 -5.68
CA LYS A 125 27.73 -4.78 -6.21
C LYS A 125 29.02 -4.31 -6.90
N GLY A 126 29.97 -5.21 -7.09
CA GLY A 126 31.18 -4.90 -7.82
C GLY A 126 32.34 -4.40 -6.99
N ARG A 127 32.22 -4.45 -5.68
CA ARG A 127 33.36 -4.14 -4.85
C ARG A 127 34.29 -5.35 -4.74
N ARG A 128 35.47 -5.11 -4.15
N ARG A 128 35.49 -5.08 -4.27
CA ARG A 128 36.53 -6.11 -3.93
CA ARG A 128 36.49 -6.10 -4.09
C ARG A 128 37.00 -6.11 -2.46
C ARG A 128 36.77 -6.11 -2.58
N PRO A 129 36.26 -6.80 -1.59
N PRO A 129 35.89 -6.77 -1.82
CA PRO A 129 36.42 -6.79 -0.13
CA PRO A 129 36.06 -6.69 -0.38
C PRO A 129 37.55 -7.62 0.48
C PRO A 129 37.16 -7.55 0.20
N LEU A 130 38.01 -7.17 1.65
N LEU A 130 37.59 -7.15 1.39
CA LEU A 130 38.89 -7.94 2.52
CA LEU A 130 38.48 -7.92 2.19
C LEU A 130 38.28 -7.95 3.92
C LEU A 130 37.89 -7.93 3.58
N LEU A 131 38.07 -9.14 4.47
N LEU A 131 37.78 -9.12 4.13
CA LEU A 131 37.60 -9.32 5.84
CA LEU A 131 37.46 -9.33 5.52
C LEU A 131 38.78 -9.42 6.76
C LEU A 131 38.74 -9.42 6.38
N VAL A 132 38.70 -8.71 7.88
N VAL A 132 38.73 -8.74 7.53
CA VAL A 132 39.74 -8.76 8.89
CA VAL A 132 39.85 -8.81 8.47
C VAL A 132 39.12 -9.28 10.18
C VAL A 132 39.33 -9.35 9.79
N ALA A 133 39.59 -10.44 10.60
N ALA A 133 39.92 -10.47 10.22
CA ALA A 133 39.17 -11.01 11.87
CA ALA A 133 39.55 -11.10 11.49
C ALA A 133 40.11 -10.47 12.92
C ALA A 133 40.49 -10.56 12.55
N ALA A 134 39.62 -9.51 13.68
N ALA A 134 40.04 -9.56 13.30
CA ALA A 134 40.48 -8.66 14.49
CA ALA A 134 40.93 -8.76 14.12
C ALA A 134 40.46 -8.95 15.99
C ALA A 134 40.92 -9.10 15.62
N ASP A 135 39.97 -10.12 16.40
N ASP A 135 40.36 -10.24 16.00
CA ASP A 135 40.03 -10.48 17.80
CA ASP A 135 40.41 -10.66 17.41
C ASP A 135 41.46 -11.00 18.09
C ASP A 135 41.82 -11.18 17.71
N THR A 136 42.27 -10.25 18.83
N THR A 136 42.54 -10.38 18.48
CA THR A 136 43.66 -10.70 19.05
CA THR A 136 43.93 -10.65 18.81
C THR A 136 43.78 -11.54 20.34
C THR A 136 44.07 -11.66 19.98
N GLN A 137 42.65 -11.99 20.86
N GLN A 137 42.95 -12.12 20.52
CA GLN A 137 42.73 -12.98 21.92
CA GLN A 137 42.98 -13.03 21.66
C GLN A 137 42.35 -14.40 21.47
C GLN A 137 42.29 -14.38 21.51
N ARG A 138 41.39 -14.51 20.54
CA ARG A 138 40.66 -15.75 20.36
C ARG A 138 40.79 -16.34 18.95
N PRO A 139 41.69 -17.31 18.77
CA PRO A 139 41.85 -17.91 17.47
C PRO A 139 40.54 -18.43 16.88
N ALA A 140 39.61 -18.90 17.71
N ALA A 140 39.71 -19.03 17.71
CA ALA A 140 38.37 -19.50 17.17
CA ALA A 140 38.48 -19.61 17.20
C ALA A 140 37.35 -18.44 16.68
C ALA A 140 37.69 -18.55 16.43
N ALA A 141 37.36 -17.27 17.27
N ALA A 141 37.70 -17.33 16.95
CA ALA A 141 36.54 -16.18 16.74
CA ALA A 141 36.94 -16.23 16.35
C ALA A 141 37.03 -15.77 15.36
C ALA A 141 37.46 -15.90 14.96
N ARG A 142 38.35 -15.82 15.16
N ARG A 142 38.78 -15.94 14.79
CA ARG A 142 38.93 -15.53 13.86
CA ARG A 142 39.40 -15.66 13.51
C ARG A 142 38.60 -16.62 12.84
C ARG A 142 39.14 -16.77 12.52
N GLU A 143 38.68 -17.89 13.29
N GLU A 143 39.27 -18.02 12.98
CA GLU A 143 38.46 -19.03 12.40
CA GLU A 143 38.99 -19.18 12.16
C GLU A 143 37.53 -19.19 11.67
C GLU A 143 37.03 -19.05 11.90
N GLN A 144 36.12 -18.63 12.76
N GLN A 144 36.60 -18.79 12.53
CA GLN A 144 34.71 -18.53 12.40
CA GLN A 144 35.20 -18.69 12.15
C GLN A 144 34.54 -17.61 11.19
C GLN A 144 35.05 -17.76 10.92
N LEU A 145 35.22 -16.46 11.22
N LEU A 145 35.67 -16.58 10.97
CA LEU A 145 35.11 -15.54 10.09
CA LEU A 145 35.61 -15.66 9.83
C LEU A 145 35.82 -16.10 8.85
C LEU A 145 36.34 -16.21 8.63
N ARG A 146 36.92 -16.83 9.05
N ARG A 146 37.48 -16.86 8.82
CA ARG A 146 37.60 -17.48 7.94
CA ARG A 146 38.13 -17.51 7.71
C ARG A 146 36.63 -18.37 7.13
C ARG A 146 37.16 -18.41 6.96
N LEU A 147 35.91 -19.22 7.85
N LEU A 147 36.47 -19.26 7.69
CA LEU A 147 35.05 -20.18 7.17
CA LEU A 147 35.61 -20.23 7.03
C LEU A 147 33.86 -19.49 6.55
C LEU A 147 34.37 -19.59 6.39
N LEU A 148 33.44 -18.37 7.13
N LEU A 148 33.82 -18.55 7.02
CA LEU A 148 32.41 -17.58 6.47
CA LEU A 148 32.69 -17.82 6.42
C LEU A 148 32.96 -16.87 5.21
C LEU A 148 33.10 -17.12 5.13
N GLY A 149 34.24 -16.45 5.19
CA GLY A 149 34.80 -15.83 4.01
C GLY A 149 34.93 -16.83 2.87
N GLU A 150 35.30 -18.07 3.22
N GLU A 150 35.48 -18.00 3.19
CA GLU A 150 35.36 -19.13 2.22
CA GLU A 150 35.64 -19.08 2.21
C GLU A 150 33.96 -19.37 1.65
C GLU A 150 34.32 -19.39 1.52
N LYS A 151 32.97 -19.51 2.52
N LYS A 151 33.23 -19.34 2.31
CA LYS A 151 31.60 -19.70 2.05
CA LYS A 151 31.88 -19.72 1.88
C LYS A 151 31.27 -18.65 1.00
C LYS A 151 31.17 -18.63 1.06
N VAL A 152 31.51 -17.37 1.31
CA VAL A 152 31.05 -16.27 0.46
C VAL A 152 32.05 -15.86 -0.64
N GLY A 153 33.17 -16.56 -0.77
N GLY A 153 33.22 -16.48 -0.64
CA GLY A 153 34.18 -16.25 -1.79
CA GLY A 153 34.26 -16.24 -1.65
C GLY A 153 34.92 -14.93 -1.58
C GLY A 153 34.92 -14.87 -1.55
N VAL A 154 34.92 -14.43 -0.35
N VAL A 154 35.44 -14.56 -0.37
CA VAL A 154 35.59 -13.17 -0.02
CA VAL A 154 36.11 -13.29 -0.04
C VAL A 154 36.81 -13.43 0.82
C VAL A 154 37.34 -13.56 0.84
N PRO A 155 37.97 -12.85 0.45
N PRO A 155 38.49 -12.96 0.50
CA PRO A 155 39.20 -13.13 1.17
CA PRO A 155 39.67 -13.23 1.30
C PRO A 155 39.20 -12.64 2.60
C PRO A 155 39.53 -12.71 2.72
N VAL A 156 40.09 -13.27 3.40
N VAL A 156 40.05 -13.47 3.69
CA VAL A 156 40.20 -13.03 4.83
CA VAL A 156 40.07 -13.07 5.08
C VAL A 156 41.64 -12.93 5.35
C VAL A 156 41.51 -12.96 5.54
N LEU A 157 41.86 -11.94 6.23
N LEU A 157 41.92 -11.77 5.97
CA LEU A 157 43.10 -11.75 6.97
CA LEU A 157 43.19 -11.63 6.66
C LEU A 157 42.86 -11.87 8.48
C LEU A 157 42.94 -11.87 8.13
N GLU A 158 43.52 -12.83 9.10
N GLU A 158 43.70 -12.80 8.71
CA GLU A 158 43.34 -13.08 10.52
CA GLU A 158 43.60 -13.09 10.13
C GLU A 158 44.48 -12.43 11.29
C GLU A 158 44.78 -12.49 10.87
N VAL A 159 44.14 -11.62 12.29
N VAL A 159 44.48 -11.70 11.90
CA VAL A 159 45.17 -11.01 13.12
CA VAL A 159 45.53 -11.16 12.72
C VAL A 159 45.85 -12.09 13.96
C VAL A 159 46.16 -12.28 13.54
N MET A 160 47.06 -11.81 14.45
N MET A 160 47.36 -12.00 14.05
CA MET A 160 47.77 -12.76 15.29
CA MET A 160 48.06 -12.93 14.92
C MET A 160 47.44 -12.48 16.76
C MET A 160 47.76 -12.62 16.38
N ASP A 161 47.61 -13.47 17.61
N ASP A 161 47.97 -13.62 17.23
CA ASP A 161 47.39 -13.26 19.04
CA ASP A 161 47.77 -13.43 18.66
C ASP A 161 48.24 -12.09 19.53
C ASP A 161 48.63 -12.26 19.13
N GLY A 162 47.61 -11.13 20.19
N GLY A 162 48.01 -11.35 19.85
CA GLY A 162 48.31 -10.01 20.78
CA GLY A 162 48.71 -10.23 20.42
C GLY A 162 48.87 -9.00 19.78
C GLY A 162 49.30 -9.26 19.41
N GLU A 163 48.49 -9.11 18.51
N GLU A 163 48.92 -9.34 18.15
CA GLU A 163 49.07 -8.24 17.49
CA GLU A 163 49.52 -8.50 17.12
C GLU A 163 48.81 -6.76 17.77
C GLU A 163 49.26 -7.02 17.40
N SER A 164 49.82 -5.92 17.52
N SER A 164 50.30 -6.19 17.23
CA SER A 164 49.66 -4.48 17.67
CA SER A 164 50.15 -4.75 17.42
C SER A 164 48.81 -3.90 16.55
C SER A 164 49.25 -4.16 16.37
N PRO A 165 48.13 -2.78 16.84
N PRO A 165 48.53 -3.09 16.72
CA PRO A 165 47.48 -2.09 15.74
CA PRO A 165 47.69 -2.40 15.75
C PRO A 165 48.40 -1.67 14.59
C PRO A 165 48.49 -1.88 14.57
N GLU A 166 49.69 -1.40 14.85
CA GLU A 166 50.58 -0.97 13.78
C GLU A 166 50.92 -2.12 12.83
N SER A 167 51.12 -3.31 13.39
CA SER A 167 51.38 -4.47 12.54
C SER A 167 50.15 -4.86 11.74
N ILE A 168 48.99 -4.83 12.40
N ILE A 168 48.98 -4.78 12.37
CA ILE A 168 47.74 -5.09 11.70
CA ILE A 168 47.74 -5.10 11.69
C ILE A 168 47.66 -4.16 10.49
C ILE A 168 47.50 -4.12 10.52
N ARG A 169 47.78 -2.85 10.75
CA ARG A 169 47.73 -1.86 9.70
C ARG A 169 48.65 -2.19 8.51
N ARG A 170 49.90 -2.55 8.83
N ARG A 170 49.91 -2.53 8.79
CA ARG A 170 50.90 -2.94 7.82
CA ARG A 170 50.84 -2.86 7.72
C ARG A 170 50.51 -4.16 6.98
C ARG A 170 50.36 -4.05 6.87
N ARG A 171 49.93 -5.15 7.63
CA ARG A 171 49.74 -6.44 7.02
CA ARG A 171 49.38 -6.22 6.76
C ARG A 171 48.49 -6.26 6.19
C ARG A 171 48.09 -6.04 5.98
N VAL A 172 47.56 -5.49 6.73
N VAL A 172 47.16 -5.28 6.55
CA VAL A 172 46.33 -5.18 6.01
CA VAL A 172 45.93 -4.95 5.85
C VAL A 172 46.65 -4.32 4.77
C VAL A 172 46.23 -4.13 4.61
N GLU A 173 47.50 -3.30 4.91
N GLU A 173 47.07 -3.10 4.76
CA GLU A 173 47.88 -2.46 3.77
CA GLU A 173 47.36 -2.26 3.62
C GLU A 173 48.60 -3.25 2.71
C GLU A 173 48.07 -3.04 2.52
N GLU A 174 49.49 -4.15 3.12
N GLU A 174 49.01 -3.93 2.87
CA GLU A 174 50.25 -5.00 2.22
CA GLU A 174 49.74 -4.71 1.89
C GLU A 174 49.30 -5.86 1.42
C GLU A 174 48.78 -5.64 1.15
N LYS A 175 48.44 -6.62 2.11
N LYS A 175 47.91 -6.36 1.87
CA LYS A 175 47.50 -7.48 1.40
CA LYS A 175 46.97 -7.27 1.23
C LYS A 175 46.54 -6.70 0.51
C LYS A 175 46.00 -6.52 0.33
N ALA A 176 46.05 -5.57 1.00
N ALA A 176 45.49 -5.41 0.83
CA ALA A 176 45.12 -4.76 0.22
CA ALA A 176 44.54 -4.65 0.04
C ALA A 176 45.76 -4.27 -1.08
C ALA A 176 45.19 -4.15 -1.24
N ARG A 177 47.03 -3.87 -1.02
N ARG A 177 46.45 -3.75 -1.18
CA ARG A 177 47.76 -3.45 -2.21
CA ARG A 177 47.16 -3.28 -2.35
C ARG A 177 47.94 -4.64 -3.17
C ARG A 177 47.36 -4.44 -3.32
N LEU A 178 48.43 -5.75 -2.63
N LEU A 178 47.90 -5.54 -2.84
CA LEU A 178 48.72 -6.94 -3.43
CA LEU A 178 48.27 -6.65 -3.73
C LEU A 178 47.48 -7.54 -4.08
C LEU A 178 47.04 -7.25 -4.41
N GLU A 179 46.35 -7.46 -3.38
N GLU A 179 45.90 -7.21 -3.74
CA GLU A 179 45.10 -8.09 -3.84
CA GLU A 179 44.69 -7.86 -4.20
C GLU A 179 44.07 -7.09 -4.36
C GLU A 179 43.66 -6.85 -4.71
N ALA A 180 44.44 -5.81 -4.41
N ALA A 180 44.10 -5.61 -4.84
CA ALA A 180 43.57 -4.77 -4.96
CA ALA A 180 43.26 -4.50 -5.31
C ALA A 180 42.25 -4.65 -4.18
C ALA A 180 41.92 -4.49 -4.59
N ARG A 181 42.34 -4.76 -2.87
N ARG A 181 41.98 -4.65 -3.28
CA ARG A 181 41.16 -4.69 -2.00
CA ARG A 181 40.77 -4.58 -2.50
C ARG A 181 40.70 -3.24 -1.82
C ARG A 181 40.31 -3.14 -2.43
N ASP A 182 39.40 -2.96 -1.96
N ASP A 182 38.99 -2.90 -2.45
CA ASP A 182 38.89 -1.58 -1.95
CA ASP A 182 38.49 -1.54 -2.34
C ASP A 182 37.64 -1.45 -1.07
C ASP A 182 37.58 -1.32 -1.11
N LEU A 183 37.61 -2.37 -0.10
N LEU A 183 37.14 -2.41 -0.50
CA LEU A 183 36.65 -2.34 1.03
CA LEU A 183 36.32 -2.32 0.72
C LEU A 183 37.06 -3.30 2.16
C LEU A 183 36.94 -3.22 1.75
N ILE A 184 37.74 -2.75 3.17
N ILE A 184 37.25 -2.67 2.91
CA ILE A 184 38.27 -3.53 4.28
CA ILE A 184 37.89 -3.45 3.94
C ILE A 184 37.29 -3.53 5.46
C ILE A 184 36.93 -3.48 5.11
N LEU A 185 36.78 -4.71 5.84
N LEU A 185 36.57 -4.68 5.54
CA LEU A 185 35.73 -4.89 6.83
CA LEU A 185 35.63 -4.93 6.60
C LEU A 185 36.26 -5.57 8.09
C LEU A 185 36.36 -5.59 7.76
N VAL A 186 36.44 -4.77 9.13
N VAL A 186 36.60 -4.81 8.82
CA VAL A 186 37.17 -5.19 10.32
CA VAL A 186 37.35 -5.27 9.96
C VAL A 186 36.22 -5.68 11.40
C VAL A 186 36.38 -5.72 11.05
N ASP A 187 36.28 -6.99 11.62
N ASP A 187 36.27 -7.05 11.22
CA ASP A 187 35.42 -7.68 12.55
CA ASP A 187 35.51 -7.68 12.30
C ASP A 187 36.07 -7.63 13.92
C ASP A 187 36.31 -7.67 13.62
N THR A 188 35.67 -6.65 14.73
N THR A 188 35.97 -6.72 14.47
CA THR A 188 36.30 -6.45 16.03
CA THR A 188 36.67 -6.53 15.73
C THR A 188 35.77 -7.50 17.00
C THR A 188 36.20 -7.57 16.76
N ALA A 189 36.48 -7.72 18.09
N ALA A 189 36.86 -7.61 17.89
CA ALA A 189 36.18 -8.85 18.95
CA ALA A 189 36.56 -8.58 18.93
C ALA A 189 34.81 -8.76 19.62
C ALA A 189 35.19 -8.39 19.54
N GLY A 190 34.18 -9.92 19.76
N GLY A 190 34.43 -9.48 19.64
CA GLY A 190 32.90 -10.03 20.44
CA GLY A 190 33.16 -9.49 20.32
C GLY A 190 33.03 -10.69 21.82
C GLY A 190 33.22 -10.24 21.63
N ARG A 191 32.59 -9.96 22.85
N ARG A 191 32.62 -9.63 22.65
CA ARG A 191 32.47 -10.47 24.22
CA ARG A 191 32.55 -10.25 23.96
C ARG A 191 31.02 -10.44 24.67
C ARG A 191 31.11 -10.14 24.49
N LEU A 192 30.77 -10.93 25.87
N LEU A 192 30.74 -11.10 25.33
CA LEU A 192 29.40 -10.98 26.39
CA LEU A 192 29.36 -11.14 25.83
C LEU A 192 28.96 -9.63 26.95
C LEU A 192 29.00 -9.84 26.55
N GLN A 193 29.90 -8.89 27.51
N GLN A 193 29.99 -9.26 27.20
CA GLN A 193 29.62 -7.56 28.05
CA GLN A 193 29.80 -7.99 27.87
C GLN A 193 30.67 -6.60 27.55
C GLN A 193 31.03 -7.11 27.62
N ILE A 194 30.48 -5.31 27.83
N ILE A 194 30.82 -5.81 27.53
CA ILE A 194 31.47 -4.30 27.47
CA ILE A 194 31.94 -4.89 27.35
C ILE A 194 32.77 -4.50 28.25
C ILE A 194 32.79 -4.86 28.62
N ASP A 195 33.69 -5.25 27.66
N ASP A 195 34.09 -4.63 28.43
CA ASP A 195 35.01 -5.50 28.24
CA ASP A 195 34.98 -4.38 29.54
C ASP A 195 35.80 -4.20 28.14
C ASP A 195 36.03 -3.38 29.11
N GLU A 196 36.16 -3.62 29.29
N GLU A 196 36.86 -2.97 30.06
CA GLU A 196 36.67 -2.25 29.32
CA GLU A 196 37.75 -1.84 29.82
C GLU A 196 38.06 -2.15 28.73
C GLU A 196 38.94 -2.20 28.91
N PRO A 197 38.92 -3.12 29.08
N PRO A 197 39.64 -3.31 29.15
CA PRO A 197 40.15 -3.21 28.34
CA PRO A 197 40.75 -3.62 28.25
C PRO A 197 39.80 -3.39 26.87
C PRO A 197 40.39 -3.71 26.75
N LEU A 198 38.66 -4.03 26.63
N LEU A 198 39.32 -4.41 26.36
CA LEU A 198 38.17 -4.25 25.27
CA LEU A 198 38.99 -4.50 24.92
C LEU A 198 37.89 -2.92 24.56
C LEU A 198 38.60 -3.17 24.35
N MET A 199 37.19 -2.03 25.24
N MET A 199 37.82 -2.39 25.09
CA MET A 199 36.79 -0.77 24.64
CA MET A 199 37.39 -1.10 24.61
C MET A 199 38.00 0.09 24.39
C MET A 199 38.61 -0.23 24.38
N GLY A 200 38.97 0.01 25.29
N GLY A 200 39.58 -0.36 25.29
CA GLY A 200 40.21 0.72 25.10
CA GLY A 200 40.84 0.33 25.13
C GLY A 200 40.96 0.16 23.93
C GLY A 200 41.54 -0.08 23.84
N GLU A 201 41.10 -1.15 23.85
N GLU A 201 41.55 -1.38 23.59
CA GLU A 201 41.82 -1.76 22.73
CA GLU A 201 42.11 -1.90 22.34
C GLU A 201 41.22 -1.34 21.39
C GLU A 201 41.30 -1.47 21.11
N LEU A 202 39.90 -1.29 21.38
N LEU A 202 39.96 -1.50 21.19
CA LEU A 202 39.15 -1.01 20.16
CA LEU A 202 39.12 -1.02 20.06
C LEU A 202 39.27 0.46 19.75
C LEU A 202 39.41 0.46 19.73
N ALA A 203 39.36 1.32 20.75
CA ALA A 203 39.60 2.73 20.51
C ALA A 203 41.00 2.93 19.95
N ARG A 204 41.98 2.19 20.44
CA ARG A 204 43.32 2.31 19.91
C ARG A 204 43.41 1.81 18.46
N LEU A 205 42.75 0.68 18.15
CA LEU A 205 42.73 0.18 16.79
C LEU A 205 42.10 1.21 15.87
N LYS A 206 41.05 1.86 16.38
N LYS A 206 41.05 1.85 16.34
CA LYS A 206 40.35 2.91 15.63
CA LYS A 206 40.47 2.90 15.55
C LYS A 206 41.22 4.15 15.39
C LYS A 206 41.48 4.04 15.25
N GLU A 207 41.99 4.56 16.39
N GLU A 207 42.28 4.41 16.24
CA GLU A 207 42.93 5.65 16.21
CA GLU A 207 43.25 5.49 16.05
C GLU A 207 43.97 5.34 15.13
C GLU A 207 44.26 5.14 14.96
N VAL A 208 44.34 4.08 15.02
N VAL A 208 44.76 3.92 15.05
CA VAL A 208 45.41 3.67 14.12
CA VAL A 208 45.82 3.48 14.17
C VAL A 208 44.91 3.41 12.69
C VAL A 208 45.30 3.18 12.76
N LEU A 209 43.81 2.67 12.54
N LEU A 209 44.11 2.58 12.66
CA LEU A 209 43.32 2.35 11.21
CA LEU A 209 43.59 2.23 11.35
C LEU A 209 42.43 3.43 10.64
C LEU A 209 42.79 3.32 10.63
N GLY A 210 42.00 4.36 11.48
N GLY A 210 42.18 4.24 11.36
CA GLY A 210 41.15 5.45 11.04
CA GLY A 210 41.47 5.37 10.74
C GLY A 210 40.09 4.97 10.06
C GLY A 210 40.19 5.01 9.96
N PRO A 211 39.09 4.23 10.56
N PRO A 211 39.41 4.06 10.46
CA PRO A 211 37.96 3.79 9.75
CA PRO A 211 38.28 3.67 9.62
C PRO A 211 37.06 4.93 9.33
C PRO A 211 37.39 4.86 9.35
N ASP A 212 36.64 4.84 8.08
N ASP A 212 36.65 4.81 8.25
CA ASP A 212 35.65 5.74 7.50
CA ASP A 212 35.73 5.89 7.89
C ASP A 212 34.30 5.57 8.18
C ASP A 212 34.27 5.57 8.14
N GLU A 213 34.00 4.33 8.57
CA GLU A 213 32.74 3.98 9.17
C GLU A 213 33.03 3.05 10.33
N VAL A 214 32.19 3.13 11.34
CA VAL A 214 32.17 2.20 12.46
C VAL A 214 30.74 1.75 12.64
N LEU A 215 30.46 0.54 12.19
CA LEU A 215 29.12 -0.01 12.16
C LEU A 215 28.91 -0.86 13.39
N LEU A 216 27.95 -0.47 14.21
N LEU A 216 27.98 -0.38 14.21
CA LEU A 216 27.64 -1.26 15.41
CA LEU A 216 27.55 -1.08 15.37
C LEU A 216 26.49 -2.21 15.15
C LEU A 216 26.48 -2.06 14.99
N VAL A 217 26.78 -3.49 15.33
N VAL A 217 26.73 -3.32 15.32
CA VAL A 217 25.82 -4.54 15.05
CA VAL A 217 25.82 -4.40 15.05
C VAL A 217 25.10 -4.91 16.35
C VAL A 217 25.11 -4.70 16.38
N LEU A 218 23.79 -4.75 16.32
CA LEU A 218 22.97 -4.96 17.50
C LEU A 218 21.93 -6.03 17.22
N ASP A 219 21.76 -6.94 18.18
CA ASP A 219 20.70 -7.91 18.13
C ASP A 219 19.42 -7.20 18.54
N ALA A 220 18.45 -7.15 17.63
N ALA A 220 18.53 -6.99 17.57
CA ALA A 220 17.16 -6.52 17.91
CA ALA A 220 17.39 -6.11 17.81
C ALA A 220 16.36 -7.22 19.02
C ALA A 220 16.43 -6.71 18.84
N MET A 221 16.54 -8.54 19.15
N MET A 221 16.55 -8.02 19.07
CA MET A 221 15.77 -9.31 20.13
CA MET A 221 15.72 -8.70 20.08
C MET A 221 16.20 -9.07 21.59
C MET A 221 16.06 -8.31 21.51
N THR A 222 17.20 -8.23 21.78
N THR A 222 17.19 -7.61 21.70
CA THR A 222 17.73 -7.97 23.11
CA THR A 222 17.61 -7.19 23.04
C THR A 222 17.06 -6.76 23.77
C THR A 222 16.96 -5.90 23.51
N GLY A 223 16.31 -5.98 22.99
N GLY A 223 16.16 -5.29 22.64
CA GLY A 223 15.48 -4.91 23.55
CA GLY A 223 15.32 -4.15 23.04
C GLY A 223 16.14 -3.56 23.77
C GLY A 223 16.07 -2.90 23.52
N GLN A 224 15.73 -2.90 24.85
N GLN A 224 15.63 -2.34 24.64
CA GLN A 224 16.19 -1.54 25.16
CA GLN A 224 16.30 -1.14 25.19
C GLN A 224 17.68 -1.51 25.50
C GLN A 224 17.76 -1.43 25.52
N GLU A 225 18.18 -2.63 26.00
N GLU A 225 18.08 -2.70 25.80
CA GLU A 225 19.61 -2.79 26.23
CA GLU A 225 19.45 -3.11 26.09
C GLU A 225 20.41 -2.39 24.99
C GLU A 225 20.38 -2.88 24.90
N ALA A 226 19.86 -2.58 23.79
N ALA A 226 19.85 -3.02 23.69
CA ALA A 226 20.53 -2.25 22.56
CA ALA A 226 20.63 -2.73 22.51
C ALA A 226 20.90 -0.78 22.51
C ALA A 226 20.97 -1.24 22.47
N LEU A 227 20.03 0.07 23.01
N LEU A 227 20.07 -0.40 22.96
CA LEU A 227 20.25 1.50 22.91
CA LEU A 227 20.33 1.05 23.02
C LEU A 227 21.26 1.99 23.96
C LEU A 227 21.40 1.40 24.05
N SER A 228 21.36 1.24 25.06
N SER A 228 21.43 0.66 25.16
CA SER A 228 22.39 1.48 26.06
CA SER A 228 22.48 0.79 26.17
C SER A 228 23.74 1.04 25.54
C SER A 228 23.82 0.39 25.57
N VAL A 229 23.77 -0.11 24.87
N VAL A 229 23.86 -0.78 24.92
CA VAL A 229 24.99 -0.59 24.17
CA VAL A 229 25.07 -1.24 24.26
C VAL A 229 25.43 0.44 23.12
C VAL A 229 25.55 -0.16 23.30
N ALA A 230 24.48 0.95 22.35
N ALA A 230 24.60 0.41 22.56
CA ALA A 230 24.78 1.97 21.35
CA ALA A 230 24.91 1.47 21.60
C ALA A 230 25.39 3.21 21.98
C ALA A 230 25.58 2.68 22.24
N ARG A 231 24.82 3.68 23.08
N ARG A 231 25.02 3.16 23.34
CA ARG A 231 25.41 4.86 23.74
CA ARG A 231 25.60 4.33 24.00
C ARG A 231 26.81 4.58 24.22
C ARG A 231 27.03 4.03 24.46
N ALA A 232 27.01 3.42 24.83
N ALA A 232 27.26 2.84 24.99
CA ALA A 232 28.31 3.03 25.34
CA ALA A 232 28.60 2.46 25.46
C ALA A 232 29.37 2.98 24.22
C ALA A 232 29.61 2.42 24.33
N PHE A 233 29.08 2.29 23.12
N PHE A 233 29.26 1.74 23.24
CA PHE A 233 30.03 2.24 22.01
CA PHE A 233 30.14 1.67 22.10
C PHE A 233 30.26 3.61 21.41
C PHE A 233 30.36 3.07 21.54
N ASP A 234 29.21 4.40 21.29
N ASP A 234 29.33 3.92 21.58
CA ASP A 234 29.41 5.71 20.67
CA ASP A 234 29.45 5.26 21.01
C ASP A 234 30.30 6.59 21.54
C ASP A 234 30.29 6.20 21.89
N GLU A 235 30.20 6.42 22.86
N GLU A 235 29.96 6.23 23.17
CA GLU A 235 30.94 7.28 23.78
CA GLU A 235 30.75 6.99 24.15
C GLU A 235 32.36 6.75 24.00
C GLU A 235 32.24 6.71 24.01
N LYS A 236 32.55 5.43 23.99
CA LYS A 236 33.90 4.89 24.21
C LYS A 236 34.72 4.66 22.97
N VAL A 237 34.06 4.49 21.84
CA VAL A 237 34.72 4.19 20.58
C VAL A 237 34.34 5.21 19.50
N GLY A 238 33.04 5.45 19.33
N GLY A 238 33.03 5.43 19.35
CA GLY A 238 32.53 6.39 18.31
CA GLY A 238 32.49 6.32 18.33
C GLY A 238 32.09 5.61 17.09
C GLY A 238 31.89 5.46 17.25
N VAL A 239 30.78 5.59 16.86
N VAL A 239 30.58 5.59 17.06
CA VAL A 239 30.18 4.80 15.79
CA VAL A 239 29.85 4.81 16.09
C VAL A 239 29.44 5.70 14.79
C VAL A 239 29.42 5.73 14.97
N THR A 240 29.43 5.25 13.53
N THR A 240 29.07 5.13 13.83
CA THR A 240 28.89 6.06 12.45
CA THR A 240 28.51 5.93 12.75
C THR A 240 27.58 5.54 11.88
C THR A 240 27.17 5.42 12.28
N GLY A 241 27.22 4.31 12.17
N GLY A 241 26.86 4.17 12.54
CA GLY A 241 25.99 3.74 11.63
CA GLY A 241 25.61 3.58 12.06
C GLY A 241 25.66 2.43 12.32
C GLY A 241 25.33 2.26 12.73
N LEU A 242 24.42 1.98 12.14
N LEU A 242 24.11 1.80 12.59
CA LEU A 242 23.93 0.77 12.78
CA LEU A 242 23.67 0.57 13.20
C LEU A 242 23.55 -0.31 11.79
C LEU A 242 23.34 -0.49 12.17
N VAL A 243 23.65 -1.55 12.25
N VAL A 243 23.62 -1.73 12.53
CA VAL A 243 23.00 -2.70 11.65
CA VAL A 243 23.12 -2.87 11.81
C VAL A 243 22.21 -3.42 12.75
C VAL A 243 22.21 -3.57 12.80
N LEU A 244 20.93 -3.69 12.48
CA LEU A 244 20.03 -4.38 13.41
C LEU A 244 19.76 -5.79 12.90
N THR A 245 20.16 -6.82 13.68
CA THR A 245 20.00 -8.18 13.27
C THR A 245 18.86 -8.85 14.01
N LYS A 246 18.46 -10.00 13.49
CA LYS A 246 17.44 -10.84 14.11
C LYS A 246 16.08 -10.14 14.16
N LEU A 247 15.82 -9.30 13.17
N LEU A 247 15.79 -9.27 13.20
CA LEU A 247 14.51 -8.70 12.99
CA LEU A 247 14.47 -8.63 13.17
C LEU A 247 13.48 -9.76 12.55
C LEU A 247 13.33 -9.64 13.11
N ASP A 248 13.98 -10.91 12.12
N ASP A 248 13.64 -10.84 12.64
CA ASP A 248 13.13 -12.09 11.89
CA ASP A 248 12.65 -11.91 12.47
C ASP A 248 12.76 -12.82 13.19
C ASP A 248 12.27 -12.70 13.73
N GLY A 249 13.33 -12.38 14.31
N GLY A 249 13.00 -12.54 14.82
CA GLY A 249 13.09 -13.02 15.62
CA GLY A 249 12.80 -13.42 15.99
C GLY A 249 11.80 -12.55 16.28
C GLY A 249 11.93 -12.88 17.11
N ASP A 250 11.39 -13.25 17.33
N ASP A 250 11.03 -13.69 17.65
CA ASP A 250 10.18 -12.89 18.06
CA ASP A 250 10.26 -13.23 18.79
C ASP A 250 10.58 -12.02 19.24
C ASP A 250 10.91 -11.91 19.23
N ALA A 251 10.22 -10.73 19.15
N ALA A 251 10.19 -10.80 19.10
CA ALA A 251 10.57 -9.74 20.16
CA ALA A 251 10.76 -9.47 19.33
C ALA A 251 9.82 -8.43 19.84
C ALA A 251 9.68 -8.39 19.52
N ARG A 252 9.77 -7.53 20.81
N ARG A 252 10.07 -7.11 19.51
CA ARG A 252 8.78 -6.41 20.80
CA ARG A 252 9.12 -6.04 19.83
C ARG A 252 8.94 -5.33 19.74
C ARG A 252 9.20 -4.81 18.91
N GLY A 253 10.12 -4.77 19.59
N GLY A 253 10.38 -4.48 18.40
CA GLY A 253 10.37 -3.82 18.49
CA GLY A 253 10.53 -3.36 17.47
C GLY A 253 10.52 -2.34 18.87
C GLY A 253 11.05 -2.10 18.11
N GLY A 254 10.12 -1.95 20.07
N GLY A 254 11.00 -2.04 19.44
CA GLY A 254 10.11 -0.55 20.46
CA GLY A 254 11.38 -0.84 20.18
C GLY A 254 11.48 0.10 20.49
C GLY A 254 12.71 -0.21 19.80
N ALA A 255 12.50 -0.59 20.95
N ALA A 255 13.74 -1.03 19.61
CA ALA A 255 13.85 -0.02 20.94
CA ALA A 255 15.04 -0.48 19.30
C ALA A 255 14.36 0.19 19.50
C ALA A 255 15.02 0.18 17.94
N ALA A 256 14.06 -0.76 18.62
N ALA A 256 14.35 -0.46 16.99
CA ALA A 256 14.44 -0.59 17.23
CA ALA A 256 14.34 0.03 15.64
C ALA A 256 13.76 0.63 16.63
C ALA A 256 13.56 1.33 15.63
N LEU A 257 12.49 0.82 16.97
N LEU A 257 12.42 1.32 16.31
CA LEU A 257 11.74 1.97 16.48
CA LEU A 257 11.54 2.47 16.32
C LEU A 257 12.37 3.27 16.96
C LEU A 257 12.10 3.65 17.11
N SER A 258 12.98 3.23 18.15
N SER A 258 13.06 3.38 18.00
CA SER A 258 13.48 4.41 18.83
CA SER A 258 13.65 4.42 18.86
C SER A 258 14.96 4.65 18.50
C SER A 258 15.00 4.90 18.36
N ALA A 259 15.59 3.69 17.84
N ALA A 259 15.65 4.13 17.51
CA ALA A 259 17.04 3.71 17.72
CA ALA A 259 17.08 4.34 17.28
C ALA A 259 17.59 4.90 16.95
C ALA A 259 17.41 5.77 16.81
N ARG A 260 16.94 5.23 15.84
N ARG A 260 16.65 6.27 15.86
CA ARG A 260 17.41 6.32 14.97
CA ARG A 260 16.94 7.60 15.32
C ARG A 260 17.57 7.61 15.75
C ARG A 260 16.83 8.68 16.42
N HIS A 261 16.55 7.96 16.53
N HIS A 261 15.74 8.60 17.17
CA HIS A 261 16.48 9.24 17.25
CA HIS A 261 15.42 9.59 18.19
C HIS A 261 17.20 9.19 18.58
C HIS A 261 16.49 9.58 19.26
N VAL A 262 17.26 8.01 19.19
N VAL A 262 16.88 8.39 19.67
CA VAL A 262 17.89 7.85 20.50
CA VAL A 262 17.76 8.22 20.81
C VAL A 262 19.42 7.82 20.37
C VAL A 262 19.24 8.27 20.44
N THR A 263 19.91 7.15 19.33
N THR A 263 19.65 7.60 19.36
CA THR A 263 21.34 6.99 19.13
CA THR A 263 21.09 7.52 19.05
C THR A 263 21.87 8.09 18.19
C THR A 263 21.56 8.56 18.02
N GLY A 264 20.99 8.63 17.35
N GLY A 264 20.63 9.09 17.22
CA GLY A 264 21.39 9.64 16.37
CA GLY A 264 20.99 9.94 16.10
C GLY A 264 22.16 9.10 15.18
C GLY A 264 21.78 9.17 15.06
N LYS A 265 22.09 7.78 14.96
N LYS A 265 21.79 7.84 15.19
CA LYS A 265 22.82 7.12 13.91
CA LYS A 265 22.53 6.98 14.27
C LYS A 265 21.86 6.49 12.90
C LYS A 265 21.59 6.22 13.34
N PRO A 266 22.22 6.56 11.61
N PRO A 266 21.88 6.26 12.04
CA PRO A 266 21.42 5.86 10.62
CA PRO A 266 21.05 5.59 11.07
C PRO A 266 21.51 4.35 10.76
C PRO A 266 21.18 4.08 11.20
N ILE A 267 20.39 3.68 10.45
N ILE A 267 20.08 3.39 10.92
CA ILE A 267 20.37 2.23 10.33
CA ILE A 267 20.09 1.95 10.73
C ILE A 267 20.61 1.92 8.85
C ILE A 267 20.37 1.70 9.25
N TYR A 268 21.76 1.35 8.54
N TYR A 268 21.56 1.22 8.94
CA TYR A 268 22.10 1.10 7.16
CA TYR A 268 21.99 1.02 7.56
C TYR A 268 21.58 -0.25 6.66
C TYR A 268 21.47 -0.29 6.97
N PHE A 269 21.56 -1.26 7.54
N PHE A 269 21.72 -1.38 7.67
CA PHE A 269 21.15 -2.61 7.19
CA PHE A 269 21.36 -2.72 7.20
C PHE A 269 20.36 -3.25 8.32
C PHE A 269 20.48 -3.41 8.21
N ALA A 270 19.58 -4.26 7.94
N ALA A 270 19.60 -4.27 7.70
CA ALA A 270 18.93 -5.14 8.89
CA ALA A 270 18.76 -5.10 8.53
C ALA A 270 19.11 -6.60 8.50
C ALA A 270 19.10 -6.56 8.31
N GLY A 271 19.64 -7.38 9.44
N GLY A 271 19.00 -7.33 9.40
CA GLY A 271 19.78 -8.82 9.27
CA GLY A 271 19.03 -8.78 9.30
C GLY A 271 18.44 -9.50 9.46
C GLY A 271 17.67 -9.36 9.61
N VAL A 272 18.11 -10.39 8.53
N VAL A 272 17.13 -10.12 8.66
CA VAL A 272 16.80 -11.04 8.51
CA VAL A 272 15.82 -10.76 8.83
C VAL A 272 16.86 -12.58 8.50
C VAL A 272 15.87 -12.28 8.64
N SER A 273 18.07 -13.11 8.69
N SER A 273 17.05 -12.84 8.44
CA SER A 273 18.23 -14.57 8.83
CA SER A 273 17.20 -14.28 8.41
C SER A 273 19.65 -14.93 9.26
C SER A 273 18.64 -14.75 8.56
N GLU A 274 19.86 -16.21 9.55
N GLU A 274 18.80 -16.08 8.61
CA GLU A 274 21.17 -16.73 9.92
CA GLU A 274 20.10 -16.69 8.85
C GLU A 274 22.05 -16.97 8.69
C GLU A 274 20.81 -16.94 7.53
N LYS A 275 21.45 -16.91 7.51
N LYS A 275 20.07 -16.78 6.43
CA LYS A 275 22.17 -17.18 6.25
CA LYS A 275 20.62 -17.00 5.09
C LYS A 275 22.96 -15.97 5.76
C LYS A 275 21.54 -15.87 4.65
N PRO A 276 24.10 -16.23 5.11
N PRO A 276 22.37 -16.13 3.63
CA PRO A 276 24.90 -15.17 4.50
CA PRO A 276 23.30 -15.11 3.12
C PRO A 276 24.08 -14.19 3.62
C PRO A 276 22.56 -13.83 2.75
N GLU A 277 22.99 -14.66 3.04
N GLU A 277 21.40 -13.98 2.12
CA GLU A 277 22.20 -13.84 2.11
CA GLU A 277 20.61 -12.83 1.65
C GLU A 277 21.19 -12.97 2.87
C GLU A 277 19.72 -12.24 2.75
N GLY A 278 21.05 -13.24 4.17
N GLY A 278 19.86 -12.77 3.98
CA GLY A 278 20.00 -12.62 4.98
CA GLY A 278 19.09 -12.26 5.11
C GLY A 278 20.33 -11.26 5.58
C GLY A 278 19.45 -10.85 5.48
N LEU A 279 20.95 -10.39 4.82
N LEU A 279 20.58 -10.36 4.96
CA LEU A 279 21.20 -9.06 5.33
CA LEU A 279 21.00 -8.96 5.09
C LEU A 279 20.92 -8.16 4.18
C LEU A 279 20.33 -8.17 3.99
N GLU A 280 19.99 -7.23 4.37
N GLU A 280 19.85 -7.00 4.34
CA GLU A 280 19.67 -6.32 3.29
CA GLU A 280 19.35 -6.08 3.33
C GLU A 280 19.58 -4.88 3.77
C GLU A 280 19.69 -4.66 3.71
N PRO A 281 19.61 -3.95 2.81
N PRO A 281 20.03 -3.83 2.72
CA PRO A 281 19.52 -2.54 3.17
CA PRO A 281 19.97 -2.41 3.02
C PRO A 281 18.26 -2.30 4.01
C PRO A 281 18.60 -2.08 3.64
N PHE A 282 18.37 -1.42 4.99
N PHE A 282 18.59 -1.22 4.63
CA PHE A 282 17.24 -1.11 5.88
CA PHE A 282 17.36 -0.99 5.39
C PHE A 282 16.39 -0.03 5.21
C PHE A 282 16.52 0.11 4.75
N TYR A 283 15.10 -0.32 5.06
N TYR A 283 15.23 -0.19 4.56
CA TYR A 283 14.20 0.51 4.27
CA TYR A 283 14.26 0.78 4.09
C TYR A 283 13.05 1.03 5.13
C TYR A 283 13.18 1.01 5.14
N PRO A 284 13.25 2.17 5.79
CA PRO A 284 12.20 2.59 6.72
C PRO A 284 10.80 2.52 6.18
N GLU A 285 10.59 2.81 4.91
N GLU A 285 10.64 3.05 4.97
CA GLU A 285 9.23 2.76 4.37
CA GLU A 285 9.34 3.22 4.33
C GLU A 285 8.70 1.30 4.40
C GLU A 285 8.67 1.90 4.03
N ARG A 286 9.59 0.33 4.22
N ARG A 286 9.46 0.90 3.64
CA ARG A 286 9.16 -1.06 4.08
CA ARG A 286 8.93 -0.44 3.47
C ARG A 286 8.77 -1.70 5.41
C ARG A 286 8.54 -1.04 4.81
N LEU A 287 9.54 -1.44 6.47
N LEU A 287 9.42 -0.93 5.79
CA LEU A 287 9.18 -1.95 7.78
CA LEU A 287 9.14 -1.49 7.11
C LEU A 287 7.93 -1.24 8.31
C LEU A 287 7.91 -0.82 7.73
N ALA A 288 7.84 0.05 8.08
N ALA A 288 7.80 0.50 7.60
CA ALA A 288 6.63 0.79 8.43
CA ALA A 288 6.64 1.21 8.14
C ALA A 288 5.38 0.29 7.70
C ALA A 288 5.36 0.56 7.63
N GLY A 289 5.40 0.21 6.36
CA GLY A 289 4.23 -0.33 5.67
C GLY A 289 3.88 -1.72 6.19
N ARG A 290 4.90 -2.56 6.33
N ARG A 290 4.89 -2.55 6.38
CA ARG A 290 4.75 -3.91 6.86
CA ARG A 290 4.65 -3.90 6.81
C ARG A 290 4.08 -3.91 8.22
C ARG A 290 4.19 -4.02 8.27
N ILE A 291 4.58 -3.06 9.11
CA ILE A 291 4.04 -3.01 10.45
C ILE A 291 2.53 -2.75 10.42
N LEU A 292 2.09 -1.95 9.46
CA LEU A 292 0.68 -1.62 9.32
C LEU A 292 -0.10 -2.56 8.42
N GLY A 293 0.52 -3.65 8.02
CA GLY A 293 -0.17 -4.70 7.26
C GLY A 293 -0.34 -4.41 5.80
N MET A 294 0.36 -3.41 5.26
N MET A 294 0.39 -3.43 5.28
CA MET A 294 0.38 -3.09 3.84
CA MET A 294 0.28 -3.02 3.90
C MET A 294 1.49 -3.87 3.15
C MET A 294 1.40 -3.61 3.11
N GLY A 295 1.33 -4.03 1.84
N GLY A 295 1.06 -3.97 1.89
CA GLY A 295 2.39 -4.62 1.02
CA GLY A 295 2.01 -4.49 0.94
C GLY A 295 2.58 -6.10 1.21
C GLY A 295 2.27 -5.95 1.19
N ASP A 296 3.81 -6.55 1.06
N ASP A 296 3.50 -6.37 0.86
CA ASP A 296 4.11 -7.98 1.03
CA ASP A 296 3.83 -7.78 0.81
C ASP A 296 4.22 -8.55 2.42
C ASP A 296 3.91 -8.40 2.20
N VAL A 297 3.07 -8.76 3.06
N VAL A 297 3.50 -9.66 2.27
CA VAL A 297 3.03 -9.45 4.33
CA VAL A 297 3.40 -10.38 3.55
C VAL A 297 4.22 -9.07 5.22
C VAL A 297 4.34 -11.57 3.65
N MET B 1 -15.22 15.83 -10.87
N MET B 1 -13.05 15.62 -15.30
CA MET B 1 -14.33 14.75 -10.34
CA MET B 1 -13.20 14.50 -14.34
C MET B 1 -13.09 14.58 -11.21
C MET B 1 -11.95 14.30 -13.50
N PHE B 2 -11.97 14.31 -10.55
N PHE B 2 -12.14 14.20 -12.19
CA PHE B 2 -10.67 14.05 -11.17
CA PHE B 2 -11.03 14.13 -11.26
C PHE B 2 -9.89 15.30 -11.55
C PHE B 2 -10.10 15.28 -11.59
N GLN B 3 -10.45 16.48 -11.32
N GLN B 3 -10.69 16.42 -11.94
CA GLN B 3 -9.81 17.73 -11.76
CA GLN B 3 -9.93 17.59 -12.37
C GLN B 3 -8.50 18.01 -11.04
C GLN B 3 -8.72 17.89 -11.49
N GLN B 4 -8.47 17.83 -9.71
N GLN B 4 -8.90 17.86 -10.19
CA GLN B 4 -7.26 18.16 -8.96
CA GLN B 4 -7.82 18.19 -9.27
C GLN B 4 -6.15 17.14 -9.21
C GLN B 4 -6.67 17.23 -9.50
N LEU B 5 -6.48 15.86 -9.21
N LEU B 5 -6.97 15.93 -9.48
CA LEU B 5 -5.49 14.84 -9.47
CA LEU B 5 -5.97 14.92 -9.72
C LEU B 5 -4.92 15.04 -10.86
C LEU B 5 -5.39 15.05 -11.12
N SER B 6 -5.81 15.25 -11.83
N SER B 6 -6.25 15.27 -12.10
CA SER B 6 -5.41 15.47 -13.21
CA SER B 6 -5.79 15.40 -13.48
C SER B 6 -4.39 16.60 -13.31
C SER B 6 -4.77 16.52 -13.64
N ALA B 7 -4.66 17.74 -12.68
N ALA B 7 -5.05 17.68 -13.06
CA ALA B 7 -3.73 18.88 -12.69
CA ALA B 7 -4.14 18.83 -13.14
C ALA B 7 -2.35 18.50 -12.13
C ALA B 7 -2.80 18.53 -12.48
N ARG B 8 -2.33 17.74 -11.04
N ARG B 8 -2.82 17.95 -11.29
CA ARG B 8 -1.08 17.37 -10.39
CA ARG B 8 -1.59 17.68 -10.52
C ARG B 8 -0.24 16.39 -11.23
C ARG B 8 -0.71 16.61 -11.18
N LEU B 9 -0.88 15.37 -11.78
N LEU B 9 -1.30 15.55 -11.71
CA LEU B 9 -0.18 14.39 -12.62
CA LEU B 9 -0.52 14.55 -12.43
C LEU B 9 0.41 15.04 -13.88
C LEU B 9 0.04 15.17 -13.70
N GLN B 10 -0.38 15.86 -14.56
N GLN B 10 -0.77 15.97 -14.37
CA GLN B 10 0.11 16.53 -15.77
CA GLN B 10 -0.33 16.64 -15.59
C GLN B 10 1.29 17.46 -15.48
C GLN B 10 0.81 17.59 -15.31
N GLU B 11 1.23 18.16 -14.35
N GLU B 11 0.71 18.33 -14.20
CA GLU B 11 2.31 19.05 -13.92
CA GLU B 11 1.79 19.22 -13.79
C GLU B 11 3.57 18.25 -13.58
C GLU B 11 3.06 18.41 -13.53
N ALA B 12 3.42 17.16 -12.81
N ALA B 12 2.92 17.27 -12.87
CA ALA B 12 4.56 16.31 -12.42
CA ALA B 12 4.08 16.43 -12.48
C ALA B 12 5.28 15.69 -13.60
C ALA B 12 4.84 15.87 -13.68
N ILE B 13 4.52 15.36 -14.63
N ILE B 13 4.08 15.43 -14.68
CA ILE B 13 5.09 14.77 -15.81
CA ILE B 13 4.65 14.92 -15.91
C ILE B 13 5.61 15.86 -16.78
C ILE B 13 5.17 16.06 -16.76
N GLY B 14 4.81 16.88 -17.04
N GLY B 14 4.37 17.11 -16.91
CA GLY B 14 5.18 17.95 -17.98
CA GLY B 14 4.66 18.20 -17.82
C GLY B 14 6.44 18.72 -17.60
C GLY B 14 5.96 18.91 -17.50
N ARG B 15 6.66 18.90 -16.30
N ARG B 15 6.26 19.09 -16.22
CA ARG B 15 7.81 19.67 -15.81
CA ARG B 15 7.44 19.85 -15.81
C ARG B 15 9.15 19.01 -16.14
C ARG B 15 8.73 19.17 -16.26
N LEU B 16 9.12 17.76 -16.61
N LEU B 16 8.64 17.88 -16.58
CA LEU B 16 10.31 17.01 -17.00
CA LEU B 16 9.79 17.11 -17.06
C LEU B 16 10.68 17.19 -18.47
C LEU B 16 10.10 17.41 -18.52
N ARG B 17 9.75 17.73 -19.27
N ARG B 17 9.10 17.88 -19.25
CA ARG B 17 9.99 17.98 -20.69
CA ARG B 17 9.18 17.98 -20.70
C ARG B 17 11.00 19.11 -20.92
C ARG B 17 10.21 19.01 -21.17
N GLY B 18 11.83 18.96 -21.95
N GLY B 18 10.94 18.64 -22.21
CA GLY B 18 12.74 20.01 -22.39
CA GLY B 18 11.94 19.52 -22.84
C GLY B 18 14.01 20.17 -21.58
C GLY B 18 13.15 19.88 -21.99
N ARG B 19 14.39 19.17 -20.78
N ARG B 19 13.38 19.12 -20.92
CA ARG B 19 15.58 19.28 -19.94
CA ARG B 19 14.46 19.45 -19.98
C ARG B 19 16.53 18.10 -20.13
C ARG B 19 15.68 18.55 -20.16
N GLY B 20 16.38 17.40 -21.24
N GLY B 20 15.60 17.62 -21.10
CA GLY B 20 17.10 16.15 -21.43
CA GLY B 20 16.69 16.70 -21.39
C GLY B 20 16.87 15.18 -20.29
C GLY B 20 16.53 15.40 -20.62
N ARG B 21 17.94 14.49 -19.90
N ARG B 21 17.62 14.67 -20.44
CA ARG B 21 17.87 13.36 -18.97
CA ARG B 21 17.61 13.50 -19.56
C ARG B 21 17.45 13.73 -17.55
C ARG B 21 17.32 13.96 -18.13
N ILE B 22 16.67 12.84 -16.93
N ILE B 22 16.72 13.07 -17.33
CA ILE B 22 16.41 12.88 -15.49
CA ILE B 22 16.48 13.38 -15.91
C ILE B 22 17.42 12.00 -14.77
C ILE B 22 17.45 12.63 -14.99
N THR B 23 17.79 12.40 -13.57
N THR B 23 17.49 13.06 -13.74
CA THR B 23 18.65 11.58 -12.72
CA THR B 23 18.30 12.41 -12.73
C THR B 23 17.81 10.60 -11.90
C THR B 23 17.49 11.44 -11.88
N GLU B 24 18.50 9.74 -11.16
N GLU B 24 18.19 10.61 -11.12
CA GLU B 24 17.88 8.92 -10.13
CA GLU B 24 17.53 9.71 -10.19
C GLU B 24 17.00 9.77 -9.22
C GLU B 24 16.72 10.53 -9.18
N GLU B 25 17.58 10.85 -8.67
N GLU B 25 17.26 11.67 -8.75
CA GLU B 25 16.86 11.73 -7.75
CA GLU B 25 16.58 12.52 -7.79
C GLU B 25 15.65 12.43 -8.37
C GLU B 25 15.25 13.04 -8.35
N ASP B 26 15.73 12.82 -9.65
N ASP B 26 15.25 13.53 -9.58
CA ASP B 26 14.58 13.41 -10.38
CA ASP B 26 14.03 14.10 -10.17
C ASP B 26 13.41 12.41 -10.44
C ASP B 26 12.99 13.00 -10.41
N LEU B 27 13.71 11.18 -10.83
N LEU B 27 13.46 11.78 -10.67
CA LEU B 27 12.71 10.12 -10.85
CA LEU B 27 12.58 10.63 -10.81
C LEU B 27 12.11 9.86 -9.47
C LEU B 27 11.93 10.25 -9.48
N LYS B 28 12.97 9.77 -8.46
N LYS B 28 12.72 10.16 -8.42
CA LYS B 28 12.55 9.61 -7.07
CA LYS B 28 12.16 9.88 -7.12
C LYS B 28 11.53 10.68 -6.70
C LYS B 28 11.20 11.01 -6.73
N ALA B 29 11.89 11.94 -6.87
N ALA B 29 11.52 12.25 -7.15
CA ALA B 29 11.05 13.07 -6.47
CA ALA B 29 10.69 13.42 -6.83
C ALA B 29 9.75 13.11 -7.25
C ALA B 29 9.33 13.35 -7.54
N THR B 30 9.82 12.77 -8.54
N THR B 30 9.38 12.95 -8.79
CA THR B 30 8.62 12.68 -9.38
CA THR B 30 8.18 12.77 -9.60
C THR B 30 7.69 11.57 -8.90
C THR B 30 7.27 11.70 -8.98
N LEU B 31 8.25 10.43 -8.53
N LEU B 31 7.84 10.56 -8.64
CA LEU B 31 7.46 9.32 -8.01
CA LEU B 31 7.05 9.46 -8.11
C LEU B 31 6.70 9.69 -6.73
C LEU B 31 6.49 9.86 -6.77
N ARG B 32 7.24 10.61 -5.93
N ARG B 32 7.35 10.41 -5.91
CA ARG B 32 6.59 11.08 -4.69
CA ARG B 32 6.91 10.88 -4.60
C ARG B 32 5.43 12.04 -4.93
C ARG B 32 5.77 11.84 -4.79
N GLU B 33 5.55 12.92 -5.93
N GLU B 33 5.93 12.77 -5.72
CA GLU B 33 4.45 13.84 -6.25
CA GLU B 33 4.86 13.70 -6.02
C GLU B 33 3.20 13.11 -6.77
C GLU B 33 3.67 12.94 -6.60
N ILE B 34 3.40 12.10 -7.59
N ILE B 34 3.93 11.91 -7.40
CA ILE B 34 2.31 11.24 -8.07
CA ILE B 34 2.83 11.10 -7.94
C ILE B 34 1.67 10.58 -6.86
C ILE B 34 2.18 10.32 -6.82
N ARG B 35 2.47 10.03 -5.96
N ARG B 35 2.97 9.71 -5.95
CA ARG B 35 1.93 9.35 -4.79
CA ARG B 35 2.38 9.02 -4.82
C ARG B 35 1.09 10.31 -3.95
C ARG B 35 1.57 9.99 -3.99
N ARG B 36 1.64 11.49 -3.70
N ARG B 36 2.13 11.15 -3.69
CA ARG B 36 0.94 12.51 -2.91
CA ARG B 36 1.46 12.11 -2.83
C ARG B 36 -0.35 12.99 -3.61
C ARG B 36 0.20 12.67 -3.48
N ALA B 37 -0.31 13.16 -4.93
N ALA B 37 0.24 12.88 -4.79
CA ALA B 37 -1.51 13.52 -5.69
CA ALA B 37 -0.93 13.32 -5.56
C ALA B 37 -2.61 12.47 -5.55
C ALA B 37 -2.06 12.30 -5.40
N LEU B 38 -2.23 11.21 -5.66
N LEU B 38 -1.71 11.03 -5.57
CA LEU B 38 -3.19 10.12 -5.46
CA LEU B 38 -2.66 9.93 -5.41
C LEU B 38 -3.78 10.11 -4.04
C LEU B 38 -3.25 9.94 -4.02
N MET B 39 -2.91 10.25 -3.06
N MET B 39 -2.38 10.10 -3.02
CA MET B 39 -3.36 10.27 -1.66
CA MET B 39 -2.84 10.18 -1.65
C MET B 39 -4.35 11.45 -1.45
C MET B 39 -3.86 11.28 -1.41
N ASP B 40 -4.05 12.62 -2.02
N ASP B 40 -3.59 12.49 -1.88
CA ASP B 40 -4.93 13.78 -1.87
CA ASP B 40 -4.50 13.63 -1.64
C ASP B 40 -6.23 13.66 -2.67
C ASP B 40 -5.80 13.46 -2.42
N ALA B 41 -6.28 12.71 -3.61
N ALA B 41 -5.78 12.55 -3.40
CA ALA B 41 -7.51 12.37 -4.32
CA ALA B 41 -6.96 12.23 -4.20
C ALA B 41 -8.34 11.28 -3.61
C ALA B 41 -7.78 11.14 -3.53
N ASP B 42 -7.95 10.94 -2.38
N ASP B 42 -7.43 10.82 -2.28
CA ASP B 42 -8.62 9.87 -1.61
CA ASP B 42 -8.09 9.76 -1.51
C ASP B 42 -8.45 8.48 -2.22
C ASP B 42 -7.91 8.36 -2.12
N VAL B 43 -7.33 8.27 -2.89
N VAL B 43 -6.80 8.17 -2.83
CA VAL B 43 -6.96 6.91 -3.29
CA VAL B 43 -6.43 6.83 -3.25
C VAL B 43 -6.50 6.15 -2.04
C VAL B 43 -5.95 6.06 -2.03
N ASN B 44 -6.88 4.88 -1.93
N ASN B 44 -6.37 4.82 -1.96
CA ASN B 44 -6.42 4.07 -0.81
CA ASN B 44 -5.96 3.94 -0.90
C ASN B 44 -4.90 4.05 -0.76
C ASN B 44 -4.44 3.91 -0.78
N LEU B 45 -4.35 4.14 0.44
N LEU B 45 -3.96 3.95 0.45
CA LEU B 45 -2.90 4.32 0.58
CA LEU B 45 -2.54 4.10 0.71
C LEU B 45 -2.13 3.17 -0.06
C LEU B 45 -1.71 2.96 0.11
N GLU B 46 -2.56 1.93 0.17
N GLU B 46 -2.13 1.72 0.36
CA GLU B 46 -1.87 0.78 -0.41
CA GLU B 46 -1.43 0.60 -0.20
C GLU B 46 -1.90 0.85 -1.94
C GLU B 46 -1.47 0.68 -1.73
N VAL B 47 -3.05 1.20 -2.47
N VAL B 47 -2.60 1.09 -2.29
CA VAL B 47 -3.20 1.38 -3.91
CA VAL B 47 -2.74 1.21 -3.74
C VAL B 47 -2.22 2.45 -4.41
C VAL B 47 -1.73 2.25 -4.29
N ALA B 48 -2.15 3.58 -3.72
N ALA B 48 -1.62 3.39 -3.61
CA ALA B 48 -1.24 4.65 -4.14
CA ALA B 48 -0.71 4.46 -4.03
C ALA B 48 0.23 4.19 -4.12
C ALA B 48 0.74 3.97 -4.01
N ARG B 49 0.63 3.48 -3.06
N ARG B 49 1.08 3.23 -2.97
CA ARG B 49 2.02 2.98 -2.96
CA ARG B 49 2.43 2.71 -2.82
C ARG B 49 2.31 1.96 -4.07
C ARG B 49 2.73 1.69 -3.92
N ASP B 50 1.36 1.09 -4.33
N ASP B 50 1.77 0.83 -4.20
CA ASP B 50 1.51 0.08 -5.34
CA ASP B 50 1.94 -0.16 -5.25
C ASP B 50 1.55 0.70 -6.73
C ASP B 50 2.08 0.54 -6.60
N PHE B 51 0.77 1.77 -6.92
N PHE B 51 1.30 1.59 -6.79
CA PHE B 51 0.73 2.46 -8.19
CA PHE B 51 1.26 2.30 -8.06
C PHE B 51 2.09 3.01 -8.55
C PHE B 51 2.63 2.88 -8.37
N VAL B 52 2.70 3.74 -7.62
N VAL B 52 3.21 3.59 -7.41
CA VAL B 52 3.99 4.34 -7.92
CA VAL B 52 4.47 4.27 -7.69
C VAL B 52 5.12 3.30 -7.98
C VAL B 52 5.57 3.20 -7.81
N GLU B 53 5.04 2.23 -7.17
N GLU B 53 5.30 2.03 -7.24
CA GLU B 53 6.04 1.18 -7.26
CA GLU B 53 6.13 0.87 -7.52
C GLU B 53 6.07 0.53 -8.64
C GLU B 53 5.90 0.38 -8.95
N ARG B 54 4.88 0.27 -9.16
N ARG B 54 4.64 0.35 -9.39
CA ARG B 54 4.75 -0.22 -10.52
CA ARG B 54 4.38 -0.15 -10.73
C ARG B 54 5.41 0.74 -11.51
C ARG B 54 4.96 0.80 -11.77
N VAL B 55 5.14 2.05 -11.35
N VAL B 55 4.68 2.09 -11.63
CA VAL B 55 5.63 3.06 -12.29
CA VAL B 55 5.26 3.05 -12.57
C VAL B 55 7.16 3.08 -12.26
C VAL B 55 6.80 2.93 -12.54
N ARG B 56 7.72 2.98 -11.05
N ARG B 56 7.38 2.97 -11.34
CA ARG B 56 9.16 2.92 -10.84
CA ARG B 56 8.85 2.82 -11.21
C ARG B 56 9.77 1.75 -11.60
C ARG B 56 9.35 1.63 -12.00
N GLU B 57 9.23 0.56 -11.35
N GLU B 57 8.80 0.47 -11.72
CA GLU B 57 9.75 -0.65 -11.97
CA GLU B 57 9.27 -0.74 -12.32
C GLU B 57 9.68 -0.58 -13.49
C GLU B 57 9.21 -0.59 -13.84
N GLU B 58 8.54 -0.12 -14.00
N GLU B 58 8.04 -0.16 -14.32
CA GLU B 58 8.32 -0.07 -15.44
CA GLU B 58 7.81 -0.10 -15.75
C GLU B 58 9.13 1.03 -16.10
C GLU B 58 8.61 0.99 -16.43
N ALA B 59 9.26 2.19 -15.46
N ALA B 59 8.78 2.13 -15.77
CA ALA B 59 10.05 3.29 -16.00
CA ALA B 59 9.61 3.18 -16.34
C ALA B 59 11.53 2.91 -16.09
C ALA B 59 11.06 2.71 -16.44
N LEU B 60 12.05 2.30 -15.03
N LEU B 60 11.58 2.07 -15.40
CA LEU B 60 13.42 1.80 -15.03
CA LEU B 60 12.96 1.58 -15.42
C LEU B 60 13.61 0.67 -16.05
C LEU B 60 13.13 0.52 -16.51
N GLY B 61 12.56 -0.12 -16.26
N GLY B 61 12.07 -0.27 -16.73
CA GLY B 61 12.57 -1.16 -17.28
CA GLY B 61 12.07 -1.29 -17.75
C GLY B 61 12.62 -0.59 -18.70
C GLY B 61 12.05 -0.69 -19.15
N LYS B 62 12.18 0.66 -18.85
N LYS B 62 11.62 0.56 -19.25
CA LYS B 62 12.22 1.39 -20.12
CA LYS B 62 11.64 1.32 -20.49
C LYS B 62 13.37 2.39 -20.20
C LYS B 62 12.87 2.24 -20.51
N GLN B 63 14.33 2.28 -19.29
N GLN B 63 13.85 1.93 -19.66
CA GLN B 63 15.57 3.06 -19.34
CA GLN B 63 15.13 2.63 -19.64
C GLN B 63 15.29 4.56 -19.21
C GLN B 63 14.94 4.13 -19.50
N VAL B 64 14.35 4.89 -18.34
N VAL B 64 14.08 4.54 -18.59
CA VAL B 64 13.96 6.29 -18.13
CA VAL B 64 13.76 5.96 -18.45
C VAL B 64 15.15 7.22 -17.82
C VAL B 64 14.97 6.84 -18.13
N LEU B 65 16.17 6.69 -17.13
N LEU B 65 15.94 6.34 -17.37
CA LEU B 65 17.34 7.50 -16.78
CA LEU B 65 17.07 7.19 -16.96
C LEU B 65 18.37 7.63 -17.92
C LEU B 65 17.97 7.55 -18.14
N GLU B 66 18.22 6.83 -18.97
N GLU B 66 17.85 6.80 -19.24
CA GLU B 66 18.98 7.01 -20.22
CA GLU B 66 18.68 7.05 -20.40
C GLU B 66 18.27 7.95 -21.21
C GLU B 66 17.90 7.62 -21.59
N SER B 67 16.95 8.07 -21.10
N SER B 67 16.58 7.79 -21.43
CA SER B 67 16.13 8.75 -22.11
CA SER B 67 15.73 8.31 -22.51
C SER B 67 16.36 10.24 -22.18
C SER B 67 15.93 9.80 -22.73
N LEU B 68 16.39 10.78 -23.40
N LEU B 68 15.86 10.21 -24.00
CA LEU B 68 16.40 12.22 -23.59
CA LEU B 68 15.91 11.63 -24.34
C LEU B 68 15.01 12.83 -23.46
C LEU B 68 14.51 12.28 -24.32
N THR B 69 13.98 11.97 -23.40
N THR B 69 13.49 11.50 -23.98
CA THR B 69 12.60 12.41 -23.27
CA THR B 69 12.12 12.02 -23.86
C THR B 69 11.92 11.63 -22.15
C THR B 69 11.44 11.46 -22.59
N PRO B 70 12.47 11.75 -20.93
N PRO B 70 12.01 11.75 -21.41
CA PRO B 70 11.96 10.92 -19.85
CA PRO B 70 11.50 11.20 -20.15
C PRO B 70 10.48 11.17 -19.62
C PRO B 70 10.02 11.51 -19.83
N ALA B 71 10.04 12.39 -19.92
N ALA B 71 9.53 12.69 -20.20
CA ALA B 71 8.63 12.73 -19.72
CA ALA B 71 8.13 12.98 -19.91
C ALA B 71 7.73 11.80 -20.54
C ALA B 71 7.23 12.04 -20.69
N GLU B 72 8.20 11.38 -21.71
N GLU B 72 7.66 11.66 -21.88
CA GLU B 72 7.44 10.43 -22.55
CA GLU B 72 6.91 10.67 -22.67
C GLU B 72 7.32 9.08 -21.86
C GLU B 72 6.88 9.27 -22.05
N VAL B 73 8.41 8.69 -21.21
N VAL B 73 8.03 8.80 -21.61
CA VAL B 73 8.43 7.43 -20.50
CA VAL B 73 8.14 7.46 -21.04
C VAL B 73 7.50 7.47 -19.29
C VAL B 73 7.32 7.41 -19.75
N ILE B 74 7.43 8.62 -18.62
N ILE B 74 7.52 8.41 -18.90
CA ILE B 74 6.57 8.73 -17.44
CA ILE B 74 6.79 8.44 -17.65
C ILE B 74 5.09 8.77 -17.88
C ILE B 74 5.29 8.57 -17.96
N LEU B 75 4.81 9.38 -19.02
N LEU B 75 4.89 9.49 -18.85
CA LEU B 75 3.46 9.36 -19.52
CA LEU B 75 3.48 9.58 -19.27
C LEU B 75 3.02 7.93 -19.86
C LEU B 75 2.91 8.22 -19.65
N ALA B 76 3.84 7.20 -20.59
N ALA B 76 3.67 7.45 -20.42
CA ALA B 76 3.49 5.85 -21.03
CA ALA B 76 3.18 6.18 -20.90
C ALA B 76 3.32 4.87 -19.87
C ALA B 76 2.96 5.18 -19.76
N THR B 77 4.20 4.97 -18.89
N THR B 77 3.84 5.25 -18.78
CA THR B 77 4.16 4.07 -17.73
CA THR B 77 3.80 4.30 -17.71
C THR B 77 3.04 4.42 -16.76
C THR B 77 2.70 4.64 -16.72
N VAL B 78 2.82 5.71 -16.54
N VAL B 78 2.47 5.94 -16.50
CA VAL B 78 1.72 6.16 -15.69
CA VAL B 78 1.35 6.40 -15.68
C VAL B 78 0.36 5.85 -16.35
C VAL B 78 0.02 6.09 -16.34
N TYR B 79 0.25 6.02 -17.68
N TYR B 79 -0.04 6.28 -17.65
CA TYR B 79 -1.01 5.75 -18.42
CA TYR B 79 -1.21 5.88 -18.42
C TYR B 79 -1.49 4.32 -18.16
C TYR B 79 -1.48 4.36 -18.26
N GLU B 80 -0.57 3.38 -18.33
N GLU B 80 -0.45 3.53 -18.42
CA GLU B 80 -0.86 1.99 -18.16
CA GLU B 80 -0.60 2.06 -18.28
C GLU B 80 -1.23 1.68 -16.70
C GLU B 80 -1.11 1.74 -16.88
N ALA B 81 -0.62 2.39 -15.74
N ALA B 81 -0.30 2.11 -15.88
CA ALA B 81 -0.93 2.17 -14.34
CA ALA B 81 -0.62 1.81 -14.50
C ALA B 81 -2.32 2.66 -13.98
C ALA B 81 -2.01 2.31 -14.15
N LEU B 82 -2.72 3.81 -14.53
N LEU B 82 -2.36 3.49 -14.63
CA LEU B 82 -4.09 4.28 -14.38
CA LEU B 82 -3.66 4.12 -14.30
C LEU B 82 -5.08 3.30 -15.03
C LEU B 82 -4.84 3.35 -14.92
N LYS B 83 -4.81 2.98 -16.29
N LYS B 83 -4.68 2.90 -16.16
CA LYS B 83 -5.58 1.96 -17.00
CA LYS B 83 -5.71 2.09 -16.83
C LYS B 83 -5.82 0.72 -16.15
C LYS B 83 -5.95 0.79 -16.06
N GLU B 84 -4.76 0.23 -15.52
N GLU B 84 -4.88 0.04 -15.79
CA GLU B 84 -4.88 -0.96 -14.71
CA GLU B 84 -5.04 -1.25 -15.12
C GLU B 84 -5.64 -0.68 -13.40
C GLU B 84 -5.67 -1.12 -13.75
N ALA B 85 -5.32 0.43 -12.75
N ALA B 85 -5.19 -0.16 -12.97
CA ALA B 85 -5.94 0.72 -11.47
CA ALA B 85 -5.77 0.09 -11.64
C ALA B 85 -7.46 0.86 -11.62
C ALA B 85 -7.26 0.35 -11.79
N LEU B 86 -7.89 1.42 -12.74
N LEU B 86 -7.65 0.91 -12.92
CA LEU B 86 -9.29 1.72 -13.02
CA LEU B 86 -9.05 1.29 -13.16
C LEU B 86 -10.07 0.51 -13.50
C LEU B 86 -9.89 0.13 -13.68
N GLY B 87 -9.41 -0.61 -13.77
N GLY B 87 -9.25 -1.01 -13.90
CA GLY B 87 -10.06 -1.87 -14.10
CA GLY B 87 -9.97 -2.19 -14.33
C GLY B 87 -9.43 -2.70 -15.18
C GLY B 87 -9.37 -2.79 -15.58
N GLY B 88 -8.59 -2.09 -16.02
N GLY B 88 -8.29 -2.19 -16.06
CA GLY B 88 -7.96 -2.82 -17.11
CA GLY B 88 -7.55 -2.72 -17.19
C GLY B 88 -8.85 -2.74 -18.34
C GLY B 88 -8.33 -2.63 -18.48
N GLU B 89 -9.23 -3.87 -18.92
N GLU B 89 -9.50 -3.25 -18.48
CA GLU B 89 -10.17 -3.81 -20.03
CA GLU B 89 -10.34 -3.29 -19.67
C GLU B 89 -11.60 -3.65 -19.50
C GLU B 89 -11.81 -3.06 -19.32
N ALA B 90 -12.43 -3.03 -20.34
N ALA B 90 -12.53 -2.43 -20.25
CA ALA B 90 -13.82 -2.78 -20.00
CA ALA B 90 -13.95 -2.19 -20.06
C ALA B 90 -14.57 -4.07 -19.78
C ALA B 90 -14.71 -3.51 -19.97
N ARG B 91 -15.54 -4.03 -18.87
N ARG B 91 -15.57 -3.59 -18.96
CA ARG B 91 -16.36 -5.19 -18.56
CA ARG B 91 -16.33 -4.79 -18.66
C ARG B 91 -17.82 -4.73 -18.44
C ARG B 91 -17.81 -4.41 -18.54
N LEU B 92 -18.73 -5.63 -18.77
N LEU B 92 -18.66 -5.20 -19.18
CA LEU B 92 -20.15 -5.42 -18.63
CA LEU B 92 -20.10 -5.09 -19.01
C LEU B 92 -20.77 -6.72 -18.15
C LEU B 92 -20.62 -6.48 -18.71
N PRO B 93 -21.99 -6.66 -17.60
N PRO B 93 -21.72 -6.56 -17.95
CA PRO B 93 -22.65 -7.91 -17.22
CA PRO B 93 -22.28 -7.87 -17.65
C PRO B 93 -22.92 -8.83 -18.43
C PRO B 93 -22.70 -8.66 -18.92
N VAL B 94 -22.87 -10.13 -18.20
N VAL B 94 -22.65 -9.98 -18.82
CA VAL B 94 -23.05 -11.11 -19.27
CA VAL B 94 -23.09 -10.85 -19.90
C VAL B 94 -24.53 -11.32 -19.54
C VAL B 94 -24.60 -10.98 -19.85
N LEU B 95 -24.94 -10.96 -20.75
N LEU B 95 -25.25 -10.82 -21.01
CA LEU B 95 -26.34 -11.11 -21.16
CA LEU B 95 -26.70 -10.95 -21.12
C LEU B 95 -26.62 -12.53 -21.66
C LEU B 95 -27.07 -12.30 -21.70
N LYS B 96 -27.74 -13.08 -21.18
N LYS B 96 -27.96 -13.01 -21.00
CA LYS B 96 -28.33 -14.31 -21.67
CA LYS B 96 -28.38 -14.36 -21.32
C LYS B 96 -29.71 -13.94 -22.23
C LYS B 96 -29.82 -14.36 -21.84
N ASP B 97 -30.50 -14.95 -22.57
N ASP B 97 -30.34 -15.54 -22.15
CA ASP B 97 -31.87 -14.77 -23.05
CA ASP B 97 -31.70 -15.63 -22.69
C ASP B 97 -32.78 -14.18 -21.99
C ASP B 97 -32.68 -15.04 -21.68
N ARG B 98 -32.58 -14.60 -20.74
N ARG B 98 -32.41 -15.25 -20.41
CA ARG B 98 -33.33 -14.10 -19.60
CA ARG B 98 -33.20 -14.65 -19.34
C ARG B 98 -32.33 -13.80 -18.49
C ARG B 98 -32.22 -14.01 -18.37
N ASN B 99 -32.31 -12.55 -18.02
N ASN B 99 -32.67 -13.00 -17.63
CA ASN B 99 -31.39 -12.06 -16.99
CA ASN B 99 -31.81 -12.26 -16.71
C ASN B 99 -32.17 -11.47 -15.85
C ASN B 99 -32.64 -11.64 -15.59
N LEU B 100 -31.70 -11.68 -14.65
N LEU B 100 -32.19 -11.83 -14.36
CA LEU B 100 -32.29 -11.06 -13.48
CA LEU B 100 -32.75 -11.10 -13.23
C LEU B 100 -31.18 -10.54 -12.61
C LEU B 100 -31.56 -10.57 -12.44
N TRP B 101 -31.23 -9.23 -12.39
N TRP B 101 -31.43 -9.24 -12.36
CA TRP B 101 -30.22 -8.54 -11.62
CA TRP B 101 -30.27 -8.56 -11.77
C TRP B 101 -30.88 -7.79 -10.47
C TRP B 101 -30.66 -7.69 -10.59
N PHE B 102 -30.13 -7.68 -9.38
N PHE B 102 -29.88 -7.72 -9.51
CA PHE B 102 -30.46 -6.77 -8.31
CA PHE B 102 -30.14 -6.83 -8.37
C PHE B 102 -29.57 -5.54 -8.47
C PHE B 102 -29.44 -5.48 -8.51
N LEU B 103 -30.13 -4.39 -8.13
N LEU B 103 -30.09 -4.44 -8.00
CA LEU B 103 -29.37 -3.23 -7.77
CA LEU B 103 -29.45 -3.16 -7.73
C LEU B 103 -29.55 -3.08 -6.27
C LEU B 103 -29.42 -3.01 -6.22
N VAL B 104 -28.43 -3.00 -5.59
N VAL B 104 -28.22 -2.83 -5.67
CA VAL B 104 -28.37 -2.79 -4.15
CA VAL B 104 -28.04 -2.72 -4.22
C VAL B 104 -27.56 -1.51 -3.93
C VAL B 104 -27.22 -1.48 -3.87
N GLY B 105 -27.74 -0.91 -2.77
N GLY B 105 -27.36 -1.03 -2.63
CA GLY B 105 -26.99 0.28 -2.44
CA GLY B 105 -26.63 0.12 -2.13
C GLY B 105 -27.68 1.08 -1.38
C GLY B 105 -27.46 0.94 -1.18
N LEU B 106 -26.95 2.04 -0.83
N LEU B 106 -26.93 2.10 -0.83
CA LEU B 106 -27.47 2.91 0.22
CA LEU B 106 -27.57 2.95 0.16
C LEU B 106 -28.30 4.06 -0.35
C LEU B 106 -28.63 3.82 -0.49
N GLN B 107 -29.11 4.65 0.50
N GLN B 107 -29.62 4.22 0.29
CA GLN B 107 -29.88 5.83 0.13
CA GLN B 107 -30.46 5.31 -0.14
C GLN B 107 -28.88 6.90 -0.31
C GLN B 107 -29.55 6.51 -0.32
N GLY B 108 -29.21 7.65 -1.35
N GLY B 108 -29.69 7.20 -1.45
CA GLY B 108 -28.29 8.66 -1.89
CA GLY B 108 -28.90 8.38 -1.70
C GLY B 108 -27.21 8.16 -2.83
C GLY B 108 -27.72 8.12 -2.61
N SER B 109 -27.17 6.85 -3.03
N SER B 109 -27.46 6.86 -2.92
CA SER B 109 -26.14 6.23 -3.85
CA SER B 109 -26.35 6.50 -3.79
C SER B 109 -26.35 6.45 -5.34
C SER B 109 -26.76 6.71 -5.23
N GLY B 110 -27.59 6.76 -5.75
N GLY B 110 -28.00 7.12 -5.45
CA GLY B 110 -28.00 6.71 -7.14
CA GLY B 110 -28.56 7.22 -6.78
C GLY B 110 -28.66 5.40 -7.55
C GLY B 110 -28.97 5.86 -7.31
N LYS B 111 -28.95 4.51 -6.60
N LYS B 111 -29.11 4.88 -6.41
CA LYS B 111 -29.51 3.18 -6.89
CA LYS B 111 -29.44 3.53 -6.83
C LYS B 111 -30.80 3.16 -7.75
C LYS B 111 -30.71 3.50 -7.66
N THR B 112 -31.85 3.85 -7.31
N THR B 112 -31.77 4.09 -7.11
CA THR B 112 -33.11 3.84 -8.05
CA THR B 112 -33.08 3.99 -7.74
C THR B 112 -32.98 4.53 -9.42
C THR B 112 -33.09 4.65 -9.12
N THR B 113 -32.32 5.67 -9.42
N THR B 113 -32.50 5.84 -9.22
CA THR B 113 -32.03 6.42 -10.64
CA THR B 113 -32.41 6.51 -10.52
C THR B 113 -31.27 5.55 -11.64
C THR B 113 -31.56 5.68 -11.47
N THR B 114 -30.33 4.76 -11.12
N THR B 114 -30.47 5.14 -10.95
CA THR B 114 -29.55 3.84 -11.95
CA THR B 114 -29.56 4.33 -11.77
C THR B 114 -30.40 2.68 -12.49
C THR B 114 -30.29 3.11 -12.33
N ALA B 115 -31.32 2.14 -11.67
N ALA B 115 -31.16 2.50 -11.54
CA ALA B 115 -32.20 1.06 -12.13
CA ALA B 115 -31.97 1.38 -12.04
C ALA B 115 -32.94 1.43 -13.42
C ALA B 115 -32.72 1.85 -13.30
N ALA B 116 -33.59 2.59 -13.40
N ALA B 116 -33.31 3.03 -13.22
CA ALA B 116 -34.32 3.08 -14.56
CA ALA B 116 -34.11 3.54 -14.34
C ALA B 116 -33.37 3.44 -15.73
C ALA B 116 -33.20 3.80 -15.55
N LYS B 117 -32.24 4.09 -15.45
N LYS B 117 -32.01 4.32 -15.31
CA LYS B 117 -31.21 4.37 -16.47
CA LYS B 117 -31.12 4.65 -16.41
C LYS B 117 -30.83 3.08 -17.17
C LYS B 117 -30.53 3.40 -17.04
N LEU B 118 -30.61 2.05 -16.34
N LEU B 118 -30.33 2.37 -16.23
CA LEU B 118 -30.20 0.75 -16.84
CA LEU B 118 -29.90 1.09 -16.78
C LEU B 118 -31.27 0.11 -17.72
C LEU B 118 -30.96 0.50 -17.68
N ALA B 119 -32.52 0.18 -17.26
N ALA B 119 -32.20 0.59 -17.21
CA ALA B 119 -33.63 -0.34 -18.06
CA ALA B 119 -33.33 0.09 -17.99
C ALA B 119 -33.67 0.35 -19.44
C ALA B 119 -33.38 0.79 -19.34
N LEU B 120 -33.56 1.68 -19.46
N LEU B 120 -33.17 2.10 -19.34
CA LEU B 120 -33.57 2.44 -20.72
CA LEU B 120 -33.20 2.89 -20.58
C LEU B 120 -32.41 2.04 -21.64
C LEU B 120 -32.03 2.48 -21.47
N TYR B 121 -31.21 1.95 -21.06
N TYR B 121 -30.88 2.27 -20.85
CA TYR B 121 -30.01 1.53 -21.80
CA TYR B 121 -29.69 1.91 -21.60
C TYR B 121 -30.23 0.20 -22.52
C TYR B 121 -29.89 0.60 -22.34
N TYR B 122 -30.64 -0.82 -21.77
N TYR B 122 -30.48 -0.37 -21.67
CA TYR B 122 -30.79 -2.16 -22.34
CA TYR B 122 -30.65 -1.69 -22.25
C TYR B 122 -32.02 -2.28 -23.25
C TYR B 122 -31.85 -1.73 -23.20
N LYS B 123 -33.04 -1.48 -23.00
N LYS B 123 -32.84 -0.90 -22.93
CA LYS B 123 -34.15 -1.37 -23.95
CA LYS B 123 -33.96 -0.71 -23.87
C LYS B 123 -33.64 -0.88 -25.33
C LYS B 123 -33.43 -0.16 -25.20
N GLY B 124 -32.76 0.12 -25.32
N GLY B 124 -32.47 0.75 -25.11
CA GLY B 124 -32.11 0.61 -26.55
CA GLY B 124 -31.87 1.33 -26.30
C GLY B 124 -31.26 -0.45 -27.24
C GLY B 124 -31.00 0.36 -27.07
N LYS B 125 -30.75 -1.41 -26.47
N LYS B 125 -30.63 -0.75 -26.43
CA LYS B 125 -29.98 -2.54 -26.98
CA LYS B 125 -29.82 -1.77 -27.07
C LYS B 125 -30.83 -3.77 -27.32
C LYS B 125 -30.63 -2.99 -27.46
N GLY B 126 -32.15 -3.60 -27.37
N GLY B 126 -31.96 -2.88 -27.36
CA GLY B 126 -33.06 -4.67 -27.81
CA GLY B 126 -32.84 -3.92 -27.89
C GLY B 126 -33.56 -5.60 -26.72
C GLY B 126 -33.53 -4.78 -26.85
N ARG B 127 -33.28 -5.27 -25.46
N ARG B 127 -33.09 -4.69 -25.60
CA ARG B 127 -33.80 -6.06 -24.34
CA ARG B 127 -33.69 -5.49 -24.54
C ARG B 127 -35.22 -5.62 -24.00
C ARG B 127 -35.08 -4.99 -24.22
N ARG B 128 -35.89 -6.42 -23.20
N ARG B 128 -35.86 -5.87 -23.60
CA ARG B 128 -37.27 -6.19 -22.80
CA ARG B 128 -37.16 -5.53 -23.04
C ARG B 128 -37.35 -6.15 -21.28
C ARG B 128 -37.05 -5.64 -21.53
N PRO B 129 -37.05 -4.98 -20.69
N PRO B 129 -36.55 -4.57 -20.91
CA PRO B 129 -36.89 -4.92 -19.23
CA PRO B 129 -36.38 -4.62 -19.47
C PRO B 129 -38.16 -4.78 -18.38
C PRO B 129 -37.67 -4.58 -18.68
N LEU B 130 -38.08 -5.27 -17.15
N LEU B 130 -37.59 -5.12 -17.47
CA LEU B 130 -39.10 -5.07 -16.13
CA LEU B 130 -38.63 -4.95 -16.47
C LEU B 130 -38.42 -4.57 -14.87
C LEU B 130 -37.95 -4.44 -15.20
N LEU B 131 -38.85 -3.42 -14.38
N LEU B 131 -38.43 -3.33 -14.69
CA LEU B 131 -38.37 -2.89 -13.13
CA LEU B 131 -37.96 -2.85 -13.41
C LEU B 131 -39.24 -3.39 -11.99
C LEU B 131 -38.84 -3.45 -12.33
N VAL B 132 -38.58 -3.76 -10.89
N VAL B 132 -38.23 -3.80 -11.20
CA VAL B 132 -39.27 -4.19 -9.70
CA VAL B 132 -38.97 -4.34 -10.07
C VAL B 132 -38.84 -3.27 -8.56
C VAL B 132 -38.69 -3.47 -8.85
N ALA B 133 -39.81 -2.58 -7.96
N ALA B 133 -39.74 -2.84 -8.31
CA ALA B 133 -39.56 -1.75 -6.81
CA ALA B 133 -39.64 -2.04 -7.10
C ALA B 133 -39.72 -2.63 -5.58
C ALA B 133 -39.89 -2.92 -5.88
N ALA B 134 -38.58 -3.08 -5.04
N ALA B 134 -38.81 -3.33 -5.20
CA ALA B 134 -38.58 -4.15 -4.04
CA ALA B 134 -38.91 -4.42 -4.25
C ALA B 134 -38.45 -3.70 -2.58
C ALA B 134 -38.86 -4.03 -2.77
N ASP B 135 -38.60 -2.41 -2.30
N ASP B 135 -39.00 -2.74 -2.47
CA ASP B 135 -38.62 -1.93 -0.92
CA ASP B 135 -39.03 -2.31 -1.08
C ASP B 135 -39.97 -2.29 -0.28
C ASP B 135 -40.43 -2.61 -0.55
N THR B 136 -39.97 -3.32 0.56
N THR B 136 -40.51 -3.61 0.31
CA THR B 136 -41.21 -3.83 1.19
CA THR B 136 -41.80 -4.06 0.83
C THR B 136 -41.70 -3.02 2.40
C THR B 136 -42.28 -3.20 2.00
N GLN B 137 -40.99 -1.95 2.74
N GLN B 137 -41.46 -2.25 2.44
CA GLN B 137 -41.33 -1.09 3.88
CA GLN B 137 -41.80 -1.47 3.61
C GLN B 137 -41.73 0.34 3.50
C GLN B 137 -42.07 0.00 3.28
N ARG B 138 -41.48 0.74 2.25
N ARG B 138 -41.41 0.54 2.26
CA ARG B 138 -41.68 2.13 1.85
CA ARG B 138 -41.43 1.98 1.98
C ARG B 138 -42.43 2.24 0.52
C ARG B 138 -42.15 2.33 0.68
N PRO B 139 -43.77 2.35 0.59
N PRO B 139 -43.48 2.56 0.76
CA PRO B 139 -44.56 2.58 -0.61
CA PRO B 139 -44.20 2.84 -0.47
C PRO B 139 -44.05 3.75 -1.46
C PRO B 139 -43.69 4.05 -1.27
N ALA B 140 -43.54 4.80 -0.82
N ALA B 140 -43.24 5.11 -0.60
CA ALA B 140 -43.11 5.99 -1.55
CA ALA B 140 -42.76 6.28 -1.35
C ALA B 140 -41.83 5.78 -2.36
C ALA B 140 -41.57 5.88 -2.20
N ALA B 141 -40.84 5.08 -1.78
N ALA B 141 -40.92 4.81 -1.80
CA ALA B 141 -39.64 4.74 -2.53
CA ALA B 141 -39.74 4.33 -2.51
C ALA B 141 -40.00 3.96 -3.78
C ALA B 141 -40.14 3.59 -3.79
N ARG B 142 -40.98 3.05 -3.64
N ARG B 142 -41.21 2.80 -3.70
CA ARG B 142 -41.49 2.25 -4.76
CA ARG B 142 -41.70 2.06 -4.85
C ARG B 142 -42.15 3.16 -5.78
C ARG B 142 -42.22 3.00 -5.94
N GLU B 143 -43.06 4.03 -5.34
N GLU B 143 -42.65 4.19 -5.56
CA GLU B 143 -43.65 5.05 -6.19
CA GLU B 143 -43.29 5.09 -6.53
C GLU B 143 -42.59 5.83 -6.95
C GLU B 143 -42.29 5.96 -7.26
N GLN B 144 -41.50 6.18 -6.28
N GLN B 144 -41.15 6.23 -6.64
CA GLN B 144 -40.41 6.89 -6.93
CA GLN B 144 -40.07 6.89 -7.35
C GLN B 144 -39.84 6.13 -8.12
C GLN B 144 -39.76 6.03 -8.58
N LEU B 145 -39.57 4.83 -7.96
N LEU B 145 -39.69 4.71 -8.41
CA LEU B 145 -39.09 4.04 -9.07
CA LEU B 145 -39.32 3.86 -9.53
C LEU B 145 -40.16 3.97 -10.16
C LEU B 145 -40.45 3.65 -10.52
N ARG B 146 -41.43 3.83 -9.77
N ARG B 146 -41.69 3.55 -10.07
CA ARG B 146 -42.49 3.75 -10.76
CA ARG B 146 -42.79 3.45 -11.02
C ARG B 146 -42.47 4.97 -11.69
C ARG B 146 -42.75 4.68 -11.93
N LEU B 147 -42.36 6.17 -11.15
N LEU B 147 -42.64 5.85 -11.33
CA LEU B 147 -42.34 7.38 -11.97
CA LEU B 147 -42.58 7.10 -12.09
C LEU B 147 -41.11 7.43 -12.87
C LEU B 147 -41.44 7.06 -13.10
N LEU B 148 -39.94 7.11 -12.32
N LEU B 148 -40.25 6.66 -12.66
CA LEU B 148 -38.71 7.15 -13.12
CA LEU B 148 -39.10 6.67 -13.55
C LEU B 148 -38.71 6.11 -14.25
C LEU B 148 -39.27 5.65 -14.67
N GLY B 149 -39.18 4.91 -13.95
N GLY B 149 -39.74 4.46 -14.30
CA GLY B 149 -39.22 3.85 -14.96
CA GLY B 149 -39.90 3.38 -15.26
C GLY B 149 -40.24 4.15 -16.03
C GLY B 149 -40.90 3.81 -16.31
N GLU B 150 -41.46 4.50 -15.64
N GLU B 150 -41.98 4.41 -15.85
CA GLU B 150 -42.54 4.70 -16.61
CA GLU B 150 -42.94 4.98 -16.77
C GLU B 150 -42.32 5.87 -17.55
C GLU B 150 -42.24 6.10 -17.57
N LYS B 151 -41.53 6.84 -17.10
N LYS B 151 -41.49 6.97 -16.89
CA LYS B 151 -41.14 7.97 -17.93
CA LYS B 151 -40.80 8.08 -17.56
C LYS B 151 -40.28 7.50 -19.11
C LYS B 151 -39.89 7.66 -18.71
N VAL B 152 -39.46 6.47 -18.89
N VAL B 152 -39.14 6.57 -18.50
CA VAL B 152 -38.62 5.89 -19.96
CA VAL B 152 -38.17 6.10 -19.49
C VAL B 152 -39.25 4.67 -20.63
C VAL B 152 -38.78 5.08 -20.45
N GLY B 153 -40.55 4.44 -20.39
N GLY B 153 -40.08 4.82 -20.31
CA GLY B 153 -41.32 3.44 -21.12
CA GLY B 153 -40.77 3.88 -21.18
C GLY B 153 -41.06 2.00 -20.76
C GLY B 153 -40.50 2.44 -20.82
N VAL B 154 -40.72 1.77 -19.50
N VAL B 154 -40.21 2.21 -19.54
CA VAL B 154 -40.46 0.44 -19.00
CA VAL B 154 -39.94 0.87 -19.06
C VAL B 154 -41.46 0.14 -17.89
C VAL B 154 -40.99 0.47 -18.02
N PRO B 155 -42.09 -1.05 -17.94
N PRO B 155 -41.58 -0.72 -18.18
CA PRO B 155 -43.03 -1.42 -16.88
CA PRO B 155 -42.58 -1.17 -17.23
C PRO B 155 -42.37 -1.62 -15.51
C PRO B 155 -42.00 -1.43 -15.85
N VAL B 156 -43.11 -1.26 -14.44
N VAL B 156 -42.81 -1.16 -14.84
CA VAL B 156 -42.63 -1.35 -13.07
CA VAL B 156 -42.41 -1.31 -13.45
C VAL B 156 -43.64 -2.13 -12.24
C VAL B 156 -43.41 -2.23 -12.76
N LEU B 157 -43.16 -3.19 -11.59
N LEU B 157 -42.88 -3.23 -12.06
CA LEU B 157 -43.94 -3.93 -10.61
CA LEU B 157 -43.68 -4.07 -11.17
C LEU B 157 -43.51 -3.47 -9.23
C LEU B 157 -43.38 -3.68 -9.73
N GLU B 158 -44.48 -3.10 -8.40
N GLU B 158 -44.40 -3.18 -9.03
CA GLU B 158 -44.21 -2.71 -7.02
CA GLU B 158 -44.28 -2.82 -7.61
C GLU B 158 -44.61 -3.80 -6.10
C GLU B 158 -44.63 -3.99 -6.71
N VAL B 159 -43.71 -4.16 -5.19
N VAL B 159 -43.74 -4.34 -5.79
CA VAL B 159 -44.07 -5.12 -4.17
CA VAL B 159 -44.08 -5.32 -4.75
C VAL B 159 -45.03 -4.47 -3.18
C VAL B 159 -45.13 -4.74 -3.79
N MET B 160 -45.68 -5.30 -2.40
N MET B 160 -45.80 -5.62 -3.06
CA MET B 160 -46.64 -4.85 -1.41
CA MET B 160 -46.79 -5.21 -2.07
C MET B 160 -45.91 -4.78 -0.07
C MET B 160 -46.16 -5.09 -0.69
N ASP B 161 -46.50 -4.03 0.85
N ASP B 161 -46.77 -4.30 0.19
CA ASP B 161 -45.93 -3.89 2.18
CA ASP B 161 -46.30 -4.17 1.56
C ASP B 161 -45.81 -5.26 2.84
C ASP B 161 -46.20 -5.55 2.18
N GLY B 162 -44.60 -5.60 3.26
N GLY B 162 -45.02 -5.90 2.67
CA GLY B 162 -44.35 -6.87 3.93
CA GLY B 162 -44.80 -7.16 3.36
C GLY B 162 -44.47 -8.10 3.06
C GLY B 162 -44.88 -8.41 2.50
N GLU B 163 -44.50 -7.93 1.75
N GLU B 163 -44.77 -8.25 1.19
CA GLU B 163 -44.69 -9.05 0.86
CA GLU B 163 -44.84 -9.41 0.29
C GLU B 163 -43.55 -10.04 1.02
C GLU B 163 -43.66 -10.36 0.48
N SER B 164 -43.87 -11.33 1.09
N SER B 164 -43.95 -11.67 0.51
CA SER B 164 -42.85 -12.37 1.20
CA SER B 164 -42.89 -12.68 0.67
C SER B 164 -42.02 -12.43 -0.08
C SER B 164 -41.99 -12.74 -0.56
N PRO B 165 -40.74 -12.81 0.04
N PRO B 165 -40.72 -13.10 -0.39
CA PRO B 165 -39.95 -13.14 -1.14
CA PRO B 165 -39.85 -13.26 -1.57
C PRO B 165 -40.63 -14.09 -2.12
C PRO B 165 -40.37 -14.32 -2.56
N GLU B 166 -41.29 -15.14 -1.60
N GLU B 166 -41.05 -15.34 -2.05
CA GLU B 166 -41.95 -16.12 -2.48
CA GLU B 166 -41.63 -16.37 -2.92
C GLU B 166 -43.09 -15.50 -3.27
C GLU B 166 -42.73 -15.79 -3.79
N SER B 167 -43.86 -14.61 -2.65
N SER B 167 -43.55 -14.92 -3.20
CA SER B 167 -44.93 -13.91 -3.34
CA SER B 167 -44.62 -14.27 -3.94
C SER B 167 -44.37 -12.96 -4.40
C SER B 167 -44.01 -13.33 -4.97
N ILE B 168 -43.31 -12.23 -4.05
N ILE B 168 -42.98 -12.59 -4.57
CA ILE B 168 -42.64 -11.35 -4.99
CA ILE B 168 -42.31 -11.69 -5.48
C ILE B 168 -42.18 -12.13 -6.21
C ILE B 168 -41.79 -12.50 -6.67
N ARG B 169 -41.53 -13.26 -5.98
N ARG B 169 -41.12 -13.61 -6.38
CA ARG B 169 -41.04 -14.09 -7.07
CA ARG B 169 -40.56 -14.46 -7.44
C ARG B 169 -42.16 -14.50 -8.02
C ARG B 169 -41.61 -14.84 -8.47
N ARG B 170 -43.25 -14.98 -7.44
N ARG B 170 -42.76 -15.30 -7.98
CA ARG B 170 -44.38 -15.45 -8.25
CA ARG B 170 -43.81 -15.81 -8.86
C ARG B 170 -44.98 -14.29 -9.05
C ARG B 170 -44.42 -14.68 -9.70
N ARG B 171 -45.14 -13.10 -8.47
N ARG B 171 -44.67 -13.53 -9.07
CA ARG B 171 -45.72 -11.98 -9.24
CA ARG B 171 -45.27 -12.41 -9.81
C ARG B 171 -44.77 -11.46 -10.30
C ARG B 171 -44.31 -11.81 -10.83
N VAL B 172 -43.48 -11.41 -9.98
N VAL B 172 -43.04 -11.70 -10.46
CA VAL B 172 -42.48 -11.03 -10.98
CA VAL B 172 -42.02 -11.21 -11.39
C VAL B 172 -42.46 -12.06 -12.13
C VAL B 172 -41.95 -12.15 -12.59
N GLU B 173 -42.46 -13.34 -11.77
N GLU B 173 -41.92 -13.43 -12.31
CA GLU B 173 -42.48 -14.45 -12.74
CA GLU B 173 -41.88 -14.43 -13.36
C GLU B 173 -43.69 -14.35 -13.67
C GLU B 173 -43.08 -14.33 -14.28
N GLU B 174 -44.85 -14.00 -13.10
N GLU B 174 -44.26 -14.24 -13.67
CA GLU B 174 -46.08 -13.88 -13.88
CA GLU B 174 -45.49 -14.24 -14.46
C GLU B 174 -46.05 -12.68 -14.82
C GLU B 174 -45.49 -13.04 -15.40
N LYS B 175 -45.65 -11.52 -14.31
N LYS B 175 -45.15 -11.86 -14.89
CA LYS B 175 -45.59 -10.31 -15.14
CA LYS B 175 -45.14 -10.65 -15.72
C LYS B 175 -44.56 -10.46 -16.26
C LYS B 175 -44.06 -10.72 -16.80
N ALA B 176 -43.43 -11.07 -15.94
N ALA B 176 -42.86 -11.14 -16.42
CA ALA B 176 -42.36 -11.30 -16.93
CA ALA B 176 -41.76 -11.16 -17.36
C ALA B 176 -42.83 -12.21 -18.07
C ALA B 176 -42.07 -12.09 -18.52
N ARG B 177 -43.56 -13.25 -17.71
N ARG B 177 -42.74 -13.20 -18.23
CA ARG B 177 -44.09 -14.19 -18.69
CA ARG B 177 -43.05 -14.18 -19.26
C ARG B 177 -45.14 -13.49 -19.57
C ARG B 177 -44.26 -13.78 -20.09
N LEU B 178 -46.10 -12.82 -18.93
N LEU B 178 -45.25 -13.18 -19.47
CA LEU B 178 -47.20 -12.17 -19.64
CA LEU B 178 -46.45 -12.77 -20.20
C LEU B 178 -46.76 -11.06 -20.57
C LEU B 178 -46.12 -11.60 -21.11
N GLU B 179 -45.70 -10.36 -20.21
N GLU B 179 -45.07 -10.86 -20.77
CA GLU B 179 -45.24 -9.21 -20.98
CA GLU B 179 -44.73 -9.64 -21.50
C GLU B 179 -43.95 -9.53 -21.74
C GLU B 179 -43.37 -9.76 -22.20
N ALA B 180 -43.55 -10.81 -21.70
N ALA B 180 -42.83 -10.97 -22.25
CA ALA B 180 -42.39 -11.30 -22.43
CA ALA B 180 -41.54 -11.22 -22.89
C ALA B 180 -41.14 -10.49 -22.12
C ALA B 180 -40.47 -10.21 -22.46
N ARG B 181 -40.92 -10.28 -20.83
N ARG B 181 -40.38 -9.97 -21.15
CA ARG B 181 -39.77 -9.52 -20.35
CA ARG B 181 -39.37 -9.09 -20.59
C ARG B 181 -38.57 -10.45 -20.28
C ARG B 181 -38.12 -9.93 -20.31
N ASP B 182 -37.39 -9.95 -20.62
N ASP B 182 -36.99 -9.53 -20.87
CA ASP B 182 -36.18 -10.78 -20.58
CA ASP B 182 -35.79 -10.38 -20.89
C ASP B 182 -35.05 -10.21 -19.71
C ASP B 182 -34.61 -9.84 -20.06
N LEU B 183 -35.28 -9.04 -19.11
N LEU B 183 -34.82 -8.72 -19.40
CA LEU B 183 -34.31 -8.44 -18.19
CA LEU B 183 -33.84 -8.19 -18.46
C LEU B 183 -35.08 -7.88 -17.00
C LEU B 183 -34.60 -7.64 -17.25
N ILE B 184 -34.98 -8.55 -15.87
N ILE B 184 -34.52 -8.33 -16.13
CA ILE B 184 -35.70 -8.17 -14.67
CA ILE B 184 -35.26 -7.90 -14.95
C ILE B 184 -34.71 -7.41 -13.77
C ILE B 184 -34.27 -7.21 -14.03
N LEU B 185 -35.01 -6.15 -13.47
N LEU B 185 -34.61 -5.99 -13.63
CA LEU B 185 -34.12 -5.31 -12.70
CA LEU B 185 -33.73 -5.15 -12.84
C LEU B 185 -34.80 -4.99 -11.39
C LEU B 185 -34.41 -4.87 -11.53
N VAL B 186 -34.29 -5.57 -10.31
N VAL B 186 -33.88 -5.44 -10.46
CA VAL B 186 -34.91 -5.49 -8.98
CA VAL B 186 -34.53 -5.38 -9.17
C VAL B 186 -34.21 -4.43 -8.15
C VAL B 186 -33.89 -4.29 -8.32
N ASP B 187 -34.91 -3.33 -7.91
N ASP B 187 -34.66 -3.24 -8.07
CA ASP B 187 -34.37 -2.20 -7.17
CA ASP B 187 -34.28 -2.17 -7.14
C ASP B 187 -34.66 -2.38 -5.69
C ASP B 187 -34.67 -2.58 -5.73
N THR B 188 -33.67 -2.90 -4.97
N THR B 188 -33.66 -2.91 -4.95
CA THR B 188 -33.84 -3.26 -3.57
CA THR B 188 -33.86 -3.40 -3.60
C THR B 188 -33.76 -2.01 -2.69
C THR B 188 -33.97 -2.21 -2.64
N ALA B 189 -34.14 -2.14 -1.42
N ALA B 189 -34.36 -2.50 -1.41
CA ALA B 189 -34.26 -0.99 -0.52
CA ALA B 189 -34.54 -1.48 -0.38
C ALA B 189 -32.95 -0.23 -0.25
C ALA B 189 -33.25 -0.72 -0.08
N GLY B 190 -33.04 1.10 -0.27
N GLY B 190 -33.36 0.60 0.01
CA GLY B 190 -31.94 1.98 0.12
CA GLY B 190 -32.23 1.44 0.34
C GLY B 190 -32.19 2.54 1.51
C GLY B 190 -32.42 2.21 1.63
N ARG B 191 -31.29 2.23 2.46
N ARG B 191 -31.33 2.38 2.39
CA ARG B 191 -31.32 2.81 3.79
CA ARG B 191 -31.35 3.19 3.59
C ARG B 191 -30.06 3.65 3.98
C ARG B 191 -30.08 4.06 3.64
N LEU B 192 -30.07 4.52 4.98
N LEU B 192 -30.06 5.08 4.48
CA LEU B 192 -28.99 5.50 5.13
CA LEU B 192 -28.96 6.05 4.44
C LEU B 192 -27.67 4.89 5.52
C LEU B 192 -27.62 5.45 4.84
N GLN B 193 -27.72 3.79 6.27
N GLN B 193 -27.65 4.45 5.71
CA GLN B 193 -26.53 3.11 6.74
CA GLN B 193 -26.43 3.72 6.08
C GLN B 193 -26.71 1.61 6.50
C GLN B 193 -26.72 2.21 6.11
N ILE B 194 -25.58 0.89 6.45
N ILE B 194 -25.70 1.40 6.34
CA ILE B 194 -25.62 -0.56 6.46
CA ILE B 194 -25.90 -0.04 6.37
C ILE B 194 -26.39 -0.97 7.72
C ILE B 194 -26.96 -0.39 7.45
N ASP B 195 -27.27 -1.96 7.56
N ASP B 195 -27.85 -1.31 7.11
CA ASP B 195 -28.24 -2.33 8.57
CA ASP B 195 -28.98 -1.68 7.97
C ASP B 195 -28.43 -3.83 8.56
C ASP B 195 -29.07 -3.19 8.06
N GLU B 196 -28.09 -4.50 9.66
N GLU B 196 -28.78 -3.74 9.22
CA GLU B 196 -28.06 -5.97 9.67
CA GLU B 196 -28.63 -5.18 9.36
C GLU B 196 -29.40 -6.62 9.27
C GLU B 196 -29.92 -5.98 9.09
N PRO B 197 -30.52 -6.12 9.82
N PRO B 197 -31.08 -5.51 9.58
CA PRO B 197 -31.82 -6.57 9.29
CA PRO B 197 -32.31 -6.22 9.18
C PRO B 197 -31.99 -6.43 7.78
C PRO B 197 -32.54 -6.24 7.66
N LEU B 198 -31.65 -5.27 7.20
N LEU B 198 -32.35 -5.09 7.03
CA LEU B 198 -31.81 -5.11 5.74
CA LEU B 198 -32.45 -4.99 5.58
C LEU B 198 -30.87 -6.05 5.00
C LEU B 198 -31.48 -5.98 4.94
N MET B 199 -29.67 -6.26 5.52
N MET B 199 -30.24 -6.02 5.43
CA MET B 199 -28.78 -7.24 4.91
CA MET B 199 -29.19 -6.84 4.81
C MET B 199 -29.42 -8.64 4.92
C MET B 199 -29.54 -8.33 4.82
N GLY B 200 -30.21 -8.97 5.96
N GLY B 200 -29.85 -8.87 6.00
CA GLY B 200 -30.92 -10.25 6.03
CA GLY B 200 -30.27 -10.26 6.07
C GLY B 200 -32.02 -10.39 4.99
C GLY B 200 -31.42 -10.43 5.08
N GLU B 201 -32.83 -9.34 4.84
N GLU B 201 -32.27 -9.41 5.01
CA GLU B 201 -33.93 -9.39 3.88
CA GLU B 201 -33.41 -9.41 4.09
C GLU B 201 -33.40 -9.47 2.44
C GLU B 201 -32.92 -9.51 2.64
N LEU B 202 -32.32 -8.74 2.18
N LEU B 202 -31.84 -8.79 2.33
CA LEU B 202 -31.68 -8.74 0.87
CA LEU B 202 -31.27 -8.82 0.99
C LEU B 202 -31.02 -10.08 0.56
C LEU B 202 -30.74 -10.20 0.64
N ALA B 203 -30.38 -10.68 1.58
N ALA B 203 -29.91 -10.76 1.51
CA ALA B 203 -29.79 -11.99 1.41
CA ALA B 203 -29.36 -12.08 1.27
C ALA B 203 -30.87 -13.03 1.13
C ALA B 203 -30.50 -13.05 0.99
N ARG B 204 -32.00 -12.93 1.82
N ARG B 204 -31.56 -12.98 1.79
CA ARG B 204 -33.10 -13.86 1.57
CA ARG B 204 -32.69 -13.90 1.61
C ARG B 204 -33.67 -13.67 0.17
C ARG B 204 -33.41 -13.67 0.29
N LEU B 205 -33.76 -12.42 -0.30
N LEU B 205 -33.82 -12.43 0.03
CA LEU B 205 -34.29 -12.20 -1.63
CA LEU B 205 -34.49 -12.13 -1.23
C LEU B 205 -33.33 -12.74 -2.71
C LEU B 205 -33.65 -12.71 -2.35
N LYS B 206 -32.04 -12.62 -2.49
N LYS B 206 -32.33 -12.62 -2.18
CA LYS B 206 -31.04 -13.21 -3.41
CA LYS B 206 -31.38 -13.10 -3.17
C LYS B 206 -31.21 -14.74 -3.46
C LYS B 206 -31.45 -14.62 -3.37
N GLU B 207 -31.54 -15.35 -2.32
N GLU B 207 -31.40 -15.37 -2.27
CA GLU B 207 -31.82 -16.80 -2.26
CA GLU B 207 -31.41 -16.83 -2.37
C GLU B 207 -33.06 -17.17 -3.07
C GLU B 207 -32.60 -17.29 -3.20
N VAL B 208 -34.13 -16.43 -2.83
N VAL B 208 -33.71 -16.59 -3.04
CA VAL B 208 -35.42 -16.76 -3.44
CA VAL B 208 -34.97 -16.98 -3.67
C VAL B 208 -35.47 -16.38 -4.93
C VAL B 208 -35.02 -16.59 -5.15
N LEU B 209 -34.96 -15.22 -5.29
N LEU B 209 -34.55 -15.39 -5.48
CA LEU B 209 -34.99 -14.76 -6.71
CA LEU B 209 -34.66 -14.91 -6.85
C LEU B 209 -33.83 -15.22 -7.60
C LEU B 209 -33.45 -15.32 -7.67
N GLY B 210 -32.63 -15.44 -7.05
N GLY B 210 -32.40 -15.74 -6.99
CA GLY B 210 -31.50 -15.98 -7.83
CA GLY B 210 -31.21 -16.16 -7.68
C GLY B 210 -30.77 -15.12 -8.87
C GLY B 210 -31.00 -15.20 -8.81
N PRO B 211 -30.46 -13.86 -8.53
N PRO B 211 -30.75 -13.93 -8.46
CA PRO B 211 -29.90 -12.99 -9.55
CA PRO B 211 -30.34 -13.01 -9.49
C PRO B 211 -28.54 -13.45 -10.05
C PRO B 211 -29.02 -13.48 -10.11
N ASP B 212 -28.31 -13.27 -11.35
N ASP B 212 -28.86 -13.20 -11.40
CA ASP B 212 -27.04 -13.60 -11.93
CA ASP B 212 -27.62 -13.49 -12.14
C ASP B 212 -26.02 -12.44 -11.96
C ASP B 212 -26.52 -12.48 -11.86
N GLU B 213 -26.47 -11.24 -11.60
N GLU B 213 -26.94 -11.28 -11.50
CA GLU B 213 -25.60 -10.11 -11.31
CA GLU B 213 -26.01 -10.23 -11.11
C GLU B 213 -26.17 -9.41 -10.11
C GLU B 213 -26.57 -9.48 -9.91
N VAL B 214 -25.28 -8.90 -9.27
N VAL B 214 -25.68 -8.95 -9.08
CA VAL B 214 -25.64 -8.01 -8.17
CA VAL B 214 -26.04 -8.08 -7.98
C VAL B 214 -24.77 -6.78 -8.34
C VAL B 214 -25.16 -6.84 -8.10
N LEU B 215 -25.39 -5.70 -8.80
N LEU B 215 -25.78 -5.75 -8.54
CA LEU B 215 -24.71 -4.46 -9.07
CA LEU B 215 -25.05 -4.54 -8.86
C LEU B 215 -24.82 -3.56 -7.86
C LEU B 215 -25.20 -3.57 -7.71
N LEU B 216 -23.68 -3.25 -7.26
N LEU B 216 -24.07 -3.23 -7.12
CA LEU B 216 -23.62 -2.34 -6.13
CA LEU B 216 -24.01 -2.28 -6.03
C LEU B 216 -23.43 -0.91 -6.65
C LEU B 216 -23.72 -0.91 -6.62
N VAL B 217 -24.46 -0.10 -6.45
N VAL B 217 -24.57 0.04 -6.27
CA VAL B 217 -24.47 1.30 -6.84
CA VAL B 217 -24.42 1.39 -6.73
C VAL B 217 -23.99 2.17 -5.68
C VAL B 217 -23.71 2.22 -5.66
N LEU B 218 -22.93 2.94 -5.94
N LEU B 218 -22.71 3.00 -6.08
CA LEU B 218 -22.16 3.71 -4.96
CA LEU B 218 -21.87 3.75 -5.17
C LEU B 218 -22.06 5.16 -5.41
C LEU B 218 -21.62 5.17 -5.66
N ASP B 219 -22.23 6.10 -4.48
N ASP B 219 -21.82 6.14 -4.78
CA ASP B 219 -21.95 7.50 -4.71
CA ASP B 219 -21.58 7.53 -5.13
C ASP B 219 -20.45 7.74 -4.67
C ASP B 219 -20.09 7.77 -5.13
N ALA B 220 -19.84 8.04 -5.82
N ALA B 220 -19.52 7.97 -6.32
CA ALA B 220 -18.37 8.21 -5.91
CA ALA B 220 -18.08 8.15 -6.47
C ALA B 220 -17.84 9.34 -5.05
C ALA B 220 -17.60 9.32 -5.62
N MET B 221 -18.70 10.32 -4.73
N MET B 221 -18.51 10.27 -5.37
CA MET B 221 -18.26 11.44 -3.92
CA MET B 221 -18.16 11.45 -4.60
C MET B 221 -17.97 11.05 -2.47
C MET B 221 -17.73 11.13 -3.17
N THR B 222 -18.42 9.86 -2.05
N THR B 222 -18.09 9.95 -2.68
CA THR B 222 -18.11 9.37 -0.72
CA THR B 222 -17.79 9.57 -1.30
C THR B 222 -16.71 8.76 -0.64
C THR B 222 -16.37 8.96 -1.11
N GLY B 223 -15.97 8.77 -1.75
N GLY B 223 -15.61 8.81 -2.19
CA GLY B 223 -14.54 8.46 -1.72
CA GLY B 223 -14.22 8.35 -2.08
C GLY B 223 -14.30 7.05 -1.22
C GLY B 223 -14.05 6.96 -1.47
N GLN B 224 -13.31 6.85 -0.34
N GLN B 224 -13.12 6.81 -0.54
CA GLN B 224 -13.04 5.50 0.16
CA GLN B 224 -12.90 5.51 0.09
C GLN B 224 -14.16 4.92 1.00
C GLN B 224 -14.09 5.03 0.91
N GLU B 225 -15.03 5.73 1.58
N GLU B 225 -15.07 5.90 1.14
CA GLU B 225 -16.17 5.12 2.30
CA GLU B 225 -16.25 5.46 1.89
C GLU B 225 -16.93 4.17 1.37
C GLU B 225 -17.08 4.47 1.06
N ALA B 226 -16.96 4.50 0.08
N ALA B 226 -17.16 4.73 -0.23
CA ALA B 226 -17.55 3.62 -0.92
CA ALA B 226 -17.91 3.84 -1.09
C ALA B 226 -16.96 2.21 -0.90
C ALA B 226 -17.38 2.41 -1.03
N LEU B 227 -15.66 2.12 -0.65
N LEU B 227 -16.08 2.27 -0.84
CA LEU B 227 -14.98 0.84 -0.54
CA LEU B 227 -15.44 0.95 -0.86
C LEU B 227 -15.45 0.06 0.67
C LEU B 227 -15.60 0.26 0.50
N SER B 228 -15.59 0.74 1.80
N SER B 228 -15.93 1.02 1.55
CA SER B 228 -16.08 0.06 3.00
CA SER B 228 -16.38 0.45 2.82
C SER B 228 -17.48 -0.47 2.77
C SER B 228 -17.82 -0.08 2.70
N VAL B 229 -18.32 0.36 2.14
N VAL B 229 -18.68 0.67 2.03
CA VAL B 229 -19.67 -0.07 1.77
CA VAL B 229 -20.03 0.19 1.71
C VAL B 229 -19.63 -1.28 0.82
C VAL B 229 -19.95 -1.12 0.94
N ALA B 230 -18.72 -1.25 -0.15
N ALA B 230 -19.06 -1.15 -0.03
CA ALA B 230 -18.55 -2.37 -1.08
CA ALA B 230 -18.92 -2.32 -0.87
C ALA B 230 -18.21 -3.64 -0.34
C ALA B 230 -18.47 -3.55 -0.09
N ARG B 231 -17.27 -3.56 0.58
N ARG B 231 -17.60 -3.38 0.92
CA ARG B 231 -16.87 -4.75 1.33
CA ARG B 231 -17.22 -4.53 1.74
C ARG B 231 -18.00 -5.30 2.19
C ARG B 231 -18.44 -5.07 2.47
N ALA B 232 -18.74 -4.41 2.85
N ALA B 232 -19.25 -4.17 3.02
CA ALA B 232 -19.88 -4.82 3.67
CA ALA B 232 -20.43 -4.58 3.76
C ALA B 232 -20.96 -5.53 2.83
C ALA B 232 -21.39 -5.36 2.88
N PHE B 233 -21.39 -4.91 1.75
N PHE B 233 -21.68 -4.85 1.68
CA PHE B 233 -22.43 -5.54 0.92
CA PHE B 233 -22.55 -5.60 0.77
C PHE B 233 -21.97 -6.86 0.36
C PHE B 233 -21.87 -6.84 0.20
N ASP B 234 -20.72 -6.94 -0.07
N ASP B 234 -20.56 -6.84 0.00
CA ASP B 234 -20.25 -8.21 -0.62
CA ASP B 234 -19.96 -8.06 -0.52
C ASP B 234 -20.23 -9.33 0.41
C ASP B 234 -19.93 -9.15 0.55
N GLU B 235 -19.76 -9.04 1.62
N GLU B 235 -19.78 -8.73 1.80
CA GLU B 235 -19.74 -10.07 2.66
CA GLU B 235 -19.67 -9.65 2.92
C GLU B 235 -21.13 -10.53 3.08
C GLU B 235 -21.02 -10.19 3.39
N LYS B 236 -22.10 -9.63 3.07
N LYS B 236 -22.05 -9.36 3.31
CA LYS B 236 -23.42 -9.90 3.65
CA LYS B 236 -23.34 -9.75 3.85
C LYS B 236 -24.52 -10.22 2.63
C LYS B 236 -24.23 -10.36 2.78
N VAL B 237 -24.31 -9.85 1.37
N VAL B 237 -23.99 -9.98 1.54
CA VAL B 237 -25.26 -10.13 0.28
CA VAL B 237 -24.89 -10.33 0.45
C VAL B 237 -24.56 -10.85 -0.87
C VAL B 237 -24.15 -10.98 -0.71
N GLY B 238 -23.45 -10.31 -1.36
N GLY B 238 -23.01 -10.39 -1.11
CA GLY B 238 -22.71 -10.91 -2.44
CA GLY B 238 -22.26 -10.89 -2.25
C GLY B 238 -22.92 -10.09 -3.70
C GLY B 238 -22.67 -10.14 -3.49
N VAL B 239 -21.87 -9.37 -4.09
N VAL B 239 -21.74 -9.39 -4.08
CA VAL B 239 -21.88 -8.39 -5.18
CA VAL B 239 -22.05 -8.57 -5.25
C VAL B 239 -21.13 -8.99 -6.36
C VAL B 239 -21.18 -8.96 -6.45
N THR B 240 -21.48 -8.58 -7.59
N THR B 240 -21.75 -8.75 -7.64
CA THR B 240 -20.70 -8.99 -8.75
CA THR B 240 -21.07 -9.16 -8.85
C THR B 240 -20.03 -7.83 -9.48
C THR B 240 -20.49 -7.98 -9.64
N GLY B 241 -20.53 -6.62 -9.34
N GLY B 241 -21.00 -6.77 -9.41
CA GLY B 241 -19.93 -5.49 -10.05
CA GLY B 241 -20.49 -5.60 -10.14
C GLY B 241 -20.40 -4.21 -9.45
C GLY B 241 -20.86 -4.30 -9.50
N LEU B 242 -19.75 -3.10 -9.81
N LEU B 242 -20.20 -3.22 -9.93
CA LEU B 242 -20.04 -1.80 -9.24
CA LEU B 242 -20.44 -1.91 -9.37
C LEU B 242 -20.58 -0.82 -10.27
C LEU B 242 -20.93 -0.96 -10.43
N VAL B 243 -21.36 0.13 -9.81
N VAL B 243 -21.72 -0.01 -10.01
CA VAL B 243 -21.74 1.31 -10.57
CA VAL B 243 -22.01 1.16 -10.80
C VAL B 243 -21.32 2.50 -9.72
C VAL B 243 -21.62 2.37 -9.97
N LEU B 244 -20.53 3.41 -10.27
N LEU B 244 -20.72 3.19 -10.53
CA LEU B 244 -20.11 4.61 -9.54
CA LEU B 244 -20.23 4.36 -9.84
C LEU B 244 -20.90 5.81 -10.06
C LEU B 244 -20.94 5.57 -10.41
N THR B 245 -21.76 6.37 -9.21
N THR B 245 -21.68 6.27 -9.56
CA THR B 245 -22.55 7.53 -9.56
CA THR B 245 -22.48 7.39 -10.01
C THR B 245 -21.87 8.80 -9.12
C THR B 245 -21.84 8.71 -9.63
N LYS B 246 -22.31 9.90 -9.73
N LYS B 246 -22.34 9.78 -10.24
CA LYS B 246 -21.85 11.25 -9.43
CA LYS B 246 -21.91 11.13 -9.93
C LYS B 246 -20.39 11.46 -9.84
C LYS B 246 -20.40 11.19 -10.08
N LEU B 247 -19.95 10.78 -10.90
N LEU B 247 -19.90 10.50 -11.09
CA LEU B 247 -18.62 11.04 -11.46
CA LEU B 247 -18.47 10.39 -11.30
C LEU B 247 -18.53 12.43 -12.12
C LEU B 247 -17.85 11.72 -11.68
N ASP B 248 -19.68 13.06 -12.34
N ASP B 248 -18.61 12.57 -12.35
CA ASP B 248 -19.73 14.46 -12.77
CA ASP B 248 -18.07 13.83 -12.87
C ASP B 248 -19.65 15.42 -11.59
C ASP B 248 -18.20 14.96 -11.84
N GLY B 249 -19.69 14.91 -10.36
N GLY B 249 -18.87 14.67 -10.73
CA GLY B 249 -19.71 15.77 -9.18
CA GLY B 249 -18.91 15.57 -9.58
C GLY B 249 -18.34 16.31 -8.82
C GLY B 249 -17.81 15.21 -8.62
N ASP B 250 -18.33 17.40 -8.06
N ASP B 250 -17.09 14.14 -8.95
CA ASP B 250 -17.09 18.02 -7.62
CA ASP B 250 -15.98 13.66 -8.16
C ASP B 250 -16.62 17.35 -6.34
C ASP B 250 -14.71 14.29 -8.68
N ALA B 251 -15.69 16.41 -6.50
N ALA B 251 -14.23 15.28 -7.96
CA ALA B 251 -15.14 15.69 -5.38
CA ALA B 251 -13.07 16.01 -8.40
C ALA B 251 -13.91 14.92 -5.82
C ALA B 251 -11.82 15.22 -7.99
N ARG B 252 -13.18 14.39 -4.85
N ARG B 252 -11.99 14.14 -7.22
CA ARG B 252 -11.98 13.61 -5.12
CA ARG B 252 -10.86 13.37 -6.66
C ARG B 252 -12.34 12.26 -5.77
C ARG B 252 -10.50 12.09 -7.43
N GLY B 253 -11.52 11.82 -6.72
N GLY B 253 -11.31 11.03 -7.33
CA GLY B 253 -11.81 10.63 -7.56
CA GLY B 253 -11.07 9.81 -8.09
C GLY B 253 -11.23 9.27 -7.12
C GLY B 253 -10.69 8.61 -7.27
N GLY B 254 -10.81 9.16 -5.87
N GLY B 254 -10.63 8.81 -5.97
CA GLY B 254 -10.06 7.97 -5.41
CA GLY B 254 -10.26 7.78 -5.02
C GLY B 254 -10.77 6.63 -5.41
C GLY B 254 -11.05 6.49 -5.14
N ALA B 255 -12.09 6.62 -5.28
N ALA B 255 -12.37 6.60 -5.27
CA ALA B 255 -12.87 5.36 -5.25
CA ALA B 255 -13.22 5.41 -5.38
C ALA B 255 -12.70 4.59 -6.54
C ALA B 255 -12.87 4.62 -6.63
N ALA B 256 -12.97 5.26 -7.67
N ALA B 256 -12.60 5.29 -7.75
CA ALA B 256 -12.81 4.61 -8.97
CA ALA B 256 -12.36 4.57 -8.99
C ALA B 256 -11.39 4.08 -9.13
C ALA B 256 -10.98 3.95 -9.08
N LEU B 257 -10.41 4.81 -8.62
N LEU B 257 -9.95 4.68 -8.65
CA LEU B 257 -9.01 4.38 -8.71
CA LEU B 257 -8.60 4.18 -8.83
C LEU B 257 -8.67 3.23 -7.78
C LEU B 257 -8.26 3.04 -7.88
N SER B 258 -9.47 3.05 -6.72
N SER B 258 -9.04 2.91 -6.80
CA SER B 258 -9.17 2.06 -5.70
CA SER B 258 -8.72 1.94 -5.78
C SER B 258 -10.01 0.78 -5.80
C SER B 258 -9.57 0.67 -5.82
N ALA B 259 -11.08 0.80 -6.59
N ALA B 259 -10.73 0.72 -6.50
CA ALA B 259 -12.09 -0.27 -6.56
CA ALA B 259 -11.72 -0.34 -6.37
C ALA B 259 -11.54 -1.64 -6.93
C ALA B 259 -11.19 -1.71 -6.75
N ARG B 260 -10.80 -1.74 -8.03
N ARG B 260 -10.45 -1.78 -7.86
CA ARG B 260 -10.29 -3.04 -8.44
CA ARG B 260 -9.97 -3.07 -8.32
C ARG B 260 -9.43 -3.68 -7.36
C ARG B 260 -9.12 -3.69 -7.23
N HIS B 261 -8.54 -2.91 -6.74
N HIS B 261 -8.07 -2.98 -6.84
CA HIS B 261 -7.59 -3.44 -5.74
CA HIS B 261 -7.18 -3.41 -5.77
C HIS B 261 -8.27 -3.75 -4.39
C HIS B 261 -7.97 -3.91 -4.60
N VAL B 262 -9.15 -2.86 -3.91
N VAL B 262 -8.91 -3.08 -4.18
CA VAL B 262 -9.75 -2.99 -2.58
CA VAL B 262 -9.49 -3.23 -2.87
C VAL B 262 -10.93 -3.96 -2.56
C VAL B 262 -10.66 -4.20 -2.90
N THR B 263 -11.73 -3.96 -3.63
N THR B 263 -11.50 -4.15 -3.92
CA THR B 263 -12.96 -4.74 -3.68
CA THR B 263 -12.73 -4.95 -3.91
C THR B 263 -12.86 -6.01 -4.52
C THR B 263 -12.77 -6.09 -4.93
N GLY B 264 -11.94 -6.03 -5.48
N GLY B 264 -11.94 -6.00 -5.96
CA GLY B 264 -11.90 -7.12 -6.46
CA GLY B 264 -11.93 -7.01 -7.00
C GLY B 264 -13.00 -7.09 -7.50
C GLY B 264 -13.26 -7.20 -7.71
N LYS B 265 -13.86 -6.07 -7.44
N LYS B 265 -14.07 -6.15 -7.84
CA LYS B 265 -14.99 -6.03 -8.36
CA LYS B 265 -15.35 -6.22 -8.56
C LYS B 265 -14.73 -5.08 -9.54
C LYS B 265 -15.32 -5.25 -9.70
N PRO B 266 -15.27 -5.42 -10.71
N PRO B 266 -15.80 -5.67 -10.88
CA PRO B 266 -15.25 -4.48 -11.83
CA PRO B 266 -15.73 -4.85 -12.05
C PRO B 266 -16.27 -3.36 -11.65
C PRO B 266 -16.66 -3.66 -11.92
N ILE B 267 -15.95 -2.21 -12.22
N ILE B 267 -16.19 -2.54 -12.43
CA ILE B 267 -16.92 -1.13 -12.36
CA ILE B 267 -16.98 -1.35 -12.55
C ILE B 267 -17.53 -1.25 -13.73
C ILE B 267 -17.63 -1.47 -13.92
N TYR B 268 -18.82 -1.58 -13.78
N TYR B 268 -18.93 -1.71 -13.98
CA TYR B 268 -19.52 -1.76 -15.03
CA TYR B 268 -19.57 -1.93 -15.26
C TYR B 268 -19.92 -0.42 -15.70
C TYR B 268 -20.11 -0.67 -15.90
N PHE B 269 -20.46 0.50 -14.91
N PHE B 269 -20.78 0.14 -15.10
CA PHE B 269 -21.05 1.73 -15.39
CA PHE B 269 -21.35 1.40 -15.59
C PHE B 269 -20.67 2.89 -14.48
C PHE B 269 -20.88 2.57 -14.77
N ALA B 270 -20.72 4.08 -15.07
N ALA B 270 -20.92 3.72 -15.45
CA ALA B 270 -20.62 5.34 -14.35
CA ALA B 270 -20.60 5.00 -14.87
C ALA B 270 -21.88 6.15 -14.55
C ALA B 270 -21.79 5.95 -14.97
N GLY B 271 -22.37 6.75 -13.47
N GLY B 271 -22.04 6.72 -13.91
CA GLY B 271 -23.43 7.74 -13.52
CA GLY B 271 -23.02 7.80 -13.95
C GLY B 271 -22.74 9.09 -13.66
C GLY B 271 -22.28 9.11 -14.16
N VAL B 272 -23.18 9.86 -14.64
N VAL B 272 -22.64 9.84 -15.20
CA VAL B 272 -22.51 11.10 -14.99
CA VAL B 272 -21.88 11.01 -15.62
C VAL B 272 -23.46 12.30 -15.04
C VAL B 272 -22.77 12.25 -15.75
N SER B 273 -24.74 12.08 -14.72
N SER B 273 -24.06 12.09 -15.48
CA SER B 273 -25.70 13.18 -14.57
CA SER B 273 -24.99 13.21 -15.42
C SER B 273 -26.94 12.65 -13.84
C SER B 273 -26.31 12.84 -14.74
N GLU B 274 -27.86 13.55 -13.52
N GLU B 274 -27.14 13.84 -14.47
CA GLU B 274 -29.16 13.17 -12.96
CA GLU B 274 -28.45 13.62 -13.87
C GLU B 274 -30.16 12.70 -14.04
C GLU B 274 -29.47 13.26 -14.95
N LYS B 275 -29.83 12.90 -15.32
N LYS B 275 -29.00 13.23 -16.20
CA LYS B 275 -30.76 12.63 -16.43
CA LYS B 275 -29.84 12.85 -17.33
C LYS B 275 -30.74 11.17 -16.90
C LYS B 275 -30.17 11.37 -17.23
N PRO B 276 -31.73 10.74 -17.70
N PRO B 276 -31.46 11.01 -17.37
CA PRO B 276 -31.83 9.32 -18.10
CA PRO B 276 -31.79 9.59 -17.45
C PRO B 276 -30.69 8.84 -18.99
C PRO B 276 -30.84 8.88 -18.40
N GLU B 277 -30.11 9.73 -19.80
N GLU B 277 -30.30 9.66 -19.34
CA GLU B 277 -28.89 9.42 -20.56
CA GLU B 277 -29.37 9.14 -20.35
C GLU B 277 -27.62 9.56 -19.71
C GLU B 277 -27.92 9.15 -19.85
N GLY B 278 -27.76 9.92 -18.44
N GLY B 278 -27.69 9.70 -18.66
CA GLY B 278 -26.63 10.07 -17.51
CA GLY B 278 -26.34 9.91 -18.13
C GLY B 278 -25.99 8.78 -17.02
C GLY B 278 -25.65 8.72 -17.47
N LEU B 279 -25.97 7.77 -17.88
N LEU B 279 -25.86 7.55 -18.03
CA LEU B 279 -25.32 6.52 -17.58
CA LEU B 279 -25.20 6.34 -17.55
C LEU B 279 -24.42 6.24 -18.76
C LEU B 279 -24.54 5.69 -18.75
N GLU B 280 -23.21 5.80 -18.48
N GLU B 280 -23.27 5.31 -18.60
CA GLU B 280 -22.39 5.27 -19.52
CA GLU B 280 -22.48 4.80 -19.71
C GLU B 280 -21.60 4.07 -19.04
C GLU B 280 -21.62 3.61 -19.24
N PRO B 281 -21.25 3.19 -19.98
N PRO B 281 -21.32 2.67 -20.14
CA PRO B 281 -20.32 2.14 -19.64
CA PRO B 281 -20.29 1.67 -19.80
C PRO B 281 -19.08 2.78 -19.08
C PRO B 281 -18.98 2.29 -19.36
N PHE B 282 -18.46 2.10 -18.11
N PHE B 282 -18.29 1.64 -18.44
CA PHE B 282 -17.23 2.58 -17.52
CA PHE B 282 -17.07 2.18 -17.87
C PHE B 282 -16.09 2.11 -18.38
C PHE B 282 -15.84 1.73 -18.64
N TYR B 283 -15.30 3.06 -18.88
N TYR B 283 -15.02 2.68 -19.06
CA TYR B 283 -14.21 2.77 -19.80
CA TYR B 283 -13.86 2.39 -19.90
C TYR B 283 -12.87 3.13 -19.15
C TYR B 283 -12.56 2.87 -19.24
N PRO B 284 -12.21 2.14 -18.49
N PRO B 284 -11.85 1.96 -18.58
CA PRO B 284 -10.99 2.50 -17.76
CA PRO B 284 -10.68 2.35 -17.79
C PRO B 284 -9.92 3.22 -18.56
C PRO B 284 -9.56 2.95 -18.65
N GLU B 285 -9.65 2.77 -19.78
N GLU B 285 -9.43 2.43 -19.86
CA GLU B 285 -8.55 3.37 -20.57
CA GLU B 285 -8.39 2.92 -20.76
C GLU B 285 -8.90 4.79 -21.02
C GLU B 285 -8.66 4.35 -21.20
N ARG B 286 -10.18 5.02 -21.33
N ARG B 286 -9.92 4.67 -21.52
CA ARG B 286 -10.64 6.36 -21.71
CA ARG B 286 -10.27 6.04 -21.88
C ARG B 286 -10.56 7.32 -20.54
C ARG B 286 -10.11 6.99 -20.71
N LEU B 287 -10.92 6.84 -19.35
N LEU B 287 -10.43 6.53 -19.51
CA LEU B 287 -10.81 7.68 -18.17
CA LEU B 287 -10.36 7.39 -18.34
C LEU B 287 -9.34 7.98 -17.87
C LEU B 287 -8.90 7.70 -18.00
N ALA B 288 -8.48 6.98 -17.99
N ALA B 288 -8.03 6.71 -18.18
CA ALA B 288 -7.06 7.21 -17.78
CA ALA B 288 -6.60 6.91 -17.97
C ALA B 288 -6.52 8.28 -18.72
C ALA B 288 -6.10 8.08 -18.81
N GLY B 289 -6.87 8.15 -19.99
N GLY B 289 -6.63 8.21 -20.02
CA GLY B 289 -6.43 9.09 -21.02
CA GLY B 289 -6.25 9.28 -20.92
C GLY B 289 -6.76 10.51 -20.61
C GLY B 289 -6.89 10.60 -20.58
N ARG B 290 -8.03 10.72 -20.26
N ARG B 290 -8.14 10.55 -20.12
CA ARG B 290 -8.53 12.03 -19.87
CA ARG B 290 -8.83 11.77 -19.73
C ARG B 290 -7.80 12.61 -18.65
C ARG B 290 -8.14 12.40 -18.53
N ILE B 291 -7.51 11.77 -17.65
N ILE B 291 -7.78 11.58 -17.55
CA ILE B 291 -6.87 12.24 -16.44
CA ILE B 291 -7.07 12.07 -16.39
C ILE B 291 -5.45 12.76 -16.74
C ILE B 291 -5.81 12.77 -16.86
N LEU B 292 -4.79 12.16 -17.70
N LEU B 292 -5.15 12.18 -17.85
CA LEU B 292 -3.46 12.61 -18.14
CA LEU B 292 -3.83 12.63 -18.25
C LEU B 292 -3.50 13.59 -19.32
C LEU B 292 -3.86 13.77 -19.26
N GLY B 293 -4.66 14.17 -19.58
N GLY B 293 -5.06 14.18 -19.66
CA GLY B 293 -4.80 15.26 -20.56
CA GLY B 293 -5.17 15.33 -20.58
C GLY B 293 -4.77 14.82 -22.03
C GLY B 293 -4.87 14.98 -22.02
N MET B 294 -4.72 13.51 -22.25
N MET B 294 -5.30 13.80 -22.42
CA MET B 294 -4.44 12.95 -23.56
CA MET B 294 -5.27 13.33 -23.80
C MET B 294 -5.63 12.97 -24.53
C MET B 294 -6.65 13.52 -24.42
N GLY B 295 -6.79 13.50 -24.09
N GLY B 295 -6.73 13.37 -25.74
CA GLY B 295 -7.94 13.71 -24.98
CA GLY B 295 -7.98 13.55 -26.46
C GLY B 295 -8.87 12.52 -25.03
C GLY B 295 -8.95 12.43 -26.22
N ASP B 296 -9.64 12.40 -26.12
CA ASP B 296 -10.53 11.25 -26.35
C ASP B 296 -10.11 10.50 -27.61
#